data_2SKE
#
_entry.id   2SKE
#
_cell.length_a   128.500
_cell.length_b   128.500
_cell.length_c   116.300
_cell.angle_alpha   90.00
_cell.angle_beta   90.00
_cell.angle_gamma   90.00
#
_symmetry.space_group_name_H-M   'P 43 21 2'
#
loop_
_entity.id
_entity.type
_entity.pdbx_description
1 polymer 'PYRIDOXAL PHOSPHORYLASE B'
2 non-polymer alpha-D-glucopyranose
3 non-polymer 'PHOSPHITE ION'
4 non-polymer "PYRIDOXAL-5'-PHOSPHATE"
5 non-polymer 'INOSINIC ACID'
6 water water
#
_entity_poly.entity_id   1
_entity_poly.type   'polypeptide(L)'
_entity_poly.pdbx_seq_one_letter_code
;SRPLSDQEKRKQISVRGLAGVENVTELKKNFNRHLHFTLVKDRNVATPRDYYFALAHTVRDHLVGRWIRTQQHYYEKDPK
RIYYLSLEFYMGRTLQNTMVNLALENACDEATYQLGLDMEELEEIEEDAGLGNGGLGRLAACFLDSMATLGLAAYGYGIR
YEFGIFNQKICGGWQMEEADDWLRYGNPWEKARPEFTLPVHFYGRVEHTSQGAKWVDTQVVLAMPYDTPVPGYRNNVVNT
MRLWSAKAPNDFNLKDFNVGGYIQAVLDRNLAENISRVLYPNDNFFEGKELRLKQEYFVVAATLQDIIRRFKSSKFGCRD
PVRTNFDAFPDKVAIQLNDTHPSLAIPELMRVLVDLERLDWDKAWEVTVKTCAYTNHTVIPEALERWPVHLLETLLPRHL
QIIYEINQRFLNRVAAAFPGDVDRLRRMSLVEEGAVKRINMAHLCIAGSHAVNGVARIHSEILKKTIFKDFYELEPHKFQ
NKTNGITPRRWLVLCNPGLAEIIAERIGEEYISDLDQLRKLLSYVDDEAFIRDVAKVKQENKLKFAAYLEREYKVHINPN
SLFDVQVKRIHEYKRQLLNCLHVITLYNRIKKEPNKFVVPRTVMIGGKAAPGYHMAKMIIKLITAIGDVVNHDPVVGDRL
RVIFLENYRVSLAEKVIPAADLSEQISTAGTEASGTGNMKFMLNGALTIGTMDGANVEMAEEAGEENFFIFGMRVEDVDR
LDQRGYNAQEYYDRIPELRQIIEQLSSGFFSPKQPDLFKDIVNMLMHHDRFKVFADYEEYVKCQERVSALYKNPREWTRM
VIRNIATSGKFSSDRTIAQYAREIWGVEPSRQRLPAPDEKIP
;
_entity_poly.pdbx_strand_id   A
#
loop_
_chem_comp.id
_chem_comp.type
_chem_comp.name
_chem_comp.formula
GLC D-saccharide, alpha linking alpha-D-glucopyranose 'C6 H12 O6'
IMP non-polymer 'INOSINIC ACID' 'C10 H13 N4 O8 P'
PLP non-polymer PYRIDOXAL-5'-PHOSPHATE 'C8 H10 N O6 P'
PO3 non-polymer 'PHOSPHITE ION' 'O3 P -3'
#
# COMPACT_ATOMS: atom_id res chain seq x y z
N ILE A 13 -13.09 1.17 30.38
CA ILE A 13 -13.36 1.94 29.13
C ILE A 13 -13.14 1.05 27.90
N SER A 14 -12.22 0.09 28.03
CA SER A 14 -11.87 -0.84 26.96
C SER A 14 -10.47 -1.29 27.33
N VAL A 15 -9.85 -2.17 26.55
CA VAL A 15 -8.49 -2.58 26.89
C VAL A 15 -7.49 -1.78 26.03
N ARG A 16 -7.60 -0.46 26.17
CA ARG A 16 -6.74 0.46 25.46
C ARG A 16 -5.64 0.74 26.47
N GLY A 17 -5.45 -0.21 27.39
CA GLY A 17 -4.43 -0.07 28.41
C GLY A 17 -4.93 0.46 29.74
N LEU A 18 -4.02 0.63 30.69
CA LEU A 18 -4.35 1.13 32.03
C LEU A 18 -4.26 2.65 32.12
N ALA A 19 -5.19 3.24 32.85
CA ALA A 19 -5.21 4.68 33.06
C ALA A 19 -4.65 4.91 34.45
N GLY A 20 -3.39 4.52 34.65
CA GLY A 20 -2.73 4.67 35.94
C GLY A 20 -2.78 6.07 36.53
N VAL A 21 -2.70 6.15 37.86
CA VAL A 21 -2.73 7.43 38.57
C VAL A 21 -1.48 8.27 38.31
N GLU A 22 -0.31 7.65 38.49
CA GLU A 22 0.96 8.35 38.27
C GLU A 22 1.16 8.78 36.81
N ASN A 23 0.78 7.92 35.88
CA ASN A 23 0.98 8.22 34.48
C ASN A 23 0.03 9.23 33.84
N VAL A 24 -1.18 9.34 34.37
CA VAL A 24 -2.12 10.31 33.84
C VAL A 24 -1.68 11.72 34.28
N THR A 25 -1.13 11.79 35.50
CA THR A 25 -0.66 13.05 36.06
C THR A 25 0.59 13.49 35.32
N GLU A 26 1.45 12.52 35.01
CA GLU A 26 2.67 12.81 34.29
C GLU A 26 2.34 13.31 32.88
N LEU A 27 1.43 12.63 32.21
CA LEU A 27 1.04 13.02 30.86
C LEU A 27 0.55 14.48 30.83
N LYS A 28 -0.35 14.80 31.75
CA LYS A 28 -0.90 16.15 31.81
C LYS A 28 0.13 17.27 31.96
N LYS A 29 1.12 17.10 32.82
CA LYS A 29 2.11 18.15 32.98
C LYS A 29 2.99 18.25 31.76
N ASN A 30 3.23 17.13 31.10
CA ASN A 30 4.06 17.15 29.91
C ASN A 30 3.27 17.78 28.77
N PHE A 31 1.96 17.61 28.79
CA PHE A 31 1.10 18.19 27.76
C PHE A 31 1.23 19.72 27.89
N ASN A 32 1.21 20.19 29.13
CA ASN A 32 1.32 21.62 29.41
C ASN A 32 2.71 22.17 29.14
N ARG A 33 3.73 21.36 29.40
CA ARG A 33 5.11 21.78 29.14
C ARG A 33 5.20 22.13 27.66
N HIS A 34 4.84 21.16 26.81
CA HIS A 34 4.89 21.33 25.36
C HIS A 34 4.04 22.47 24.83
N LEU A 35 2.85 22.64 25.37
CA LEU A 35 1.98 23.71 24.94
C LEU A 35 2.66 25.05 25.20
N HIS A 36 3.41 25.13 26.29
CA HIS A 36 4.11 26.34 26.68
C HIS A 36 5.47 26.50 25.99
N PHE A 37 6.39 25.60 26.31
CA PHE A 37 7.74 25.64 25.77
C PHE A 37 7.93 25.24 24.32
N THR A 38 7.17 24.27 23.83
CA THR A 38 7.32 23.82 22.46
C THR A 38 6.45 24.55 21.44
N LEU A 39 5.20 24.78 21.78
CA LEU A 39 4.29 25.46 20.86
C LEU A 39 4.29 26.96 21.11
N VAL A 40 4.80 27.37 22.27
CA VAL A 40 4.85 28.78 22.67
C VAL A 40 3.46 29.43 22.58
N LYS A 41 2.50 28.86 23.28
CA LYS A 41 1.12 29.37 23.32
C LYS A 41 0.66 29.40 24.77
N ASP A 42 -0.48 30.02 25.04
CA ASP A 42 -1.04 30.06 26.39
C ASP A 42 -2.49 29.62 26.23
N ARG A 43 -2.95 28.76 27.14
CA ARG A 43 -4.31 28.22 27.11
C ARG A 43 -5.36 29.16 26.51
N ASN A 44 -5.19 30.46 26.70
CA ASN A 44 -6.15 31.44 26.21
C ASN A 44 -6.20 31.69 24.70
N VAL A 45 -5.21 31.23 23.96
CA VAL A 45 -5.20 31.43 22.51
C VAL A 45 -4.99 30.11 21.78
N ALA A 46 -4.93 29.03 22.53
CA ALA A 46 -4.72 27.70 21.99
C ALA A 46 -5.95 27.19 21.25
N THR A 47 -5.72 26.67 20.05
CA THR A 47 -6.79 26.12 19.23
C THR A 47 -6.65 24.61 19.26
N PRO A 48 -7.65 23.89 18.75
CA PRO A 48 -7.57 22.42 18.75
C PRO A 48 -6.31 21.92 18.06
N ARG A 49 -5.81 22.65 17.08
CA ARG A 49 -4.60 22.21 16.39
C ARG A 49 -3.41 22.26 17.34
N ASP A 50 -3.34 23.29 18.16
CA ASP A 50 -2.26 23.41 19.12
C ASP A 50 -2.33 22.25 20.10
N TYR A 51 -3.54 21.96 20.57
CA TYR A 51 -3.78 20.87 21.51
C TYR A 51 -3.36 19.53 20.93
N TYR A 52 -3.64 19.34 19.64
CA TYR A 52 -3.22 18.09 19.00
C TYR A 52 -1.69 18.00 19.03
N PHE A 53 -1.00 19.10 18.73
CA PHE A 53 0.47 19.08 18.71
C PHE A 53 1.06 18.85 20.10
N ALA A 54 0.46 19.45 21.11
CA ALA A 54 0.94 19.27 22.48
C ALA A 54 0.87 17.78 22.84
N LEU A 55 -0.22 17.13 22.43
CA LEU A 55 -0.40 15.72 22.71
C LEU A 55 0.60 14.87 21.91
N ALA A 56 0.70 15.16 20.62
CA ALA A 56 1.63 14.43 19.76
C ALA A 56 3.05 14.47 20.32
N HIS A 57 3.50 15.67 20.72
CA HIS A 57 4.86 15.79 21.26
C HIS A 57 4.99 15.01 22.55
N THR A 58 3.93 15.00 23.34
CA THR A 58 3.92 14.29 24.61
C THR A 58 4.04 12.80 24.33
N VAL A 59 3.28 12.31 23.36
CA VAL A 59 3.30 10.89 23.01
C VAL A 59 4.65 10.51 22.40
N ARG A 60 5.17 11.38 21.54
CA ARG A 60 6.44 11.13 20.88
C ARG A 60 7.57 10.96 21.89
N ASP A 61 7.43 11.65 23.03
CA ASP A 61 8.42 11.60 24.09
C ASP A 61 8.58 10.20 24.65
N HIS A 62 7.48 9.47 24.72
CA HIS A 62 7.51 8.12 25.26
C HIS A 62 8.23 7.10 24.38
N LEU A 63 8.42 7.39 23.11
CA LEU A 63 9.10 6.38 22.34
C LEU A 63 10.51 6.72 21.88
N VAL A 64 11.01 7.89 22.26
CA VAL A 64 12.38 8.25 21.88
C VAL A 64 13.35 7.42 22.72
N GLY A 65 13.00 7.21 23.99
CA GLY A 65 13.84 6.42 24.87
C GLY A 65 14.04 5.04 24.30
N ARG A 66 12.93 4.43 23.87
CA ARG A 66 12.92 3.10 23.27
C ARG A 66 13.63 3.08 21.91
N TRP A 67 13.43 4.16 21.15
CA TRP A 67 14.05 4.32 19.84
C TRP A 67 15.57 4.26 19.92
N ILE A 68 16.12 4.98 20.90
CA ILE A 68 17.56 5.04 21.10
C ILE A 68 18.18 3.73 21.56
N ARG A 69 17.51 3.01 22.46
CA ARG A 69 18.05 1.74 22.93
C ARG A 69 17.89 0.65 21.88
N THR A 70 16.81 0.72 21.10
CA THR A 70 16.58 -0.27 20.06
C THR A 70 17.73 -0.21 19.07
N GLN A 71 18.04 1.00 18.60
CA GLN A 71 19.12 1.18 17.63
C GLN A 71 20.49 0.89 18.24
N GLN A 72 20.69 1.29 19.49
CA GLN A 72 21.95 1.03 20.17
C GLN A 72 22.08 -0.49 20.32
N HIS A 73 20.97 -1.17 20.61
CA HIS A 73 20.96 -2.62 20.75
C HIS A 73 21.48 -3.29 19.47
N TYR A 74 20.85 -2.99 18.34
CA TYR A 74 21.24 -3.57 17.06
C TYR A 74 22.70 -3.30 16.75
N TYR A 75 23.24 -2.24 17.33
CA TYR A 75 24.64 -1.91 17.09
C TYR A 75 25.54 -2.83 17.90
N GLU A 76 25.09 -3.17 19.10
CA GLU A 76 25.86 -4.04 19.99
C GLU A 76 25.78 -5.49 19.55
N LYS A 77 24.57 -6.02 19.45
CA LYS A 77 24.38 -7.40 19.06
C LYS A 77 24.75 -7.64 17.60
N ASP A 78 24.52 -6.65 16.74
CA ASP A 78 24.88 -6.75 15.32
C ASP A 78 24.21 -7.91 14.57
N PRO A 79 22.87 -7.91 14.49
CA PRO A 79 22.20 -9.00 13.80
C PRO A 79 22.13 -8.73 12.30
N LYS A 80 21.54 -9.65 11.55
CA LYS A 80 21.38 -9.48 10.11
C LYS A 80 20.34 -8.37 9.94
N ARG A 81 20.64 -7.40 9.10
CA ARG A 81 19.76 -6.26 8.86
C ARG A 81 18.83 -6.41 7.65
N ILE A 82 17.54 -6.12 7.83
CA ILE A 82 16.58 -6.20 6.73
C ILE A 82 16.28 -4.80 6.20
N TYR A 83 16.58 -4.56 4.94
CA TYR A 83 16.33 -3.26 4.34
C TYR A 83 15.21 -3.36 3.34
N TYR A 84 14.09 -2.71 3.65
CA TYR A 84 12.93 -2.72 2.79
C TYR A 84 12.88 -1.44 1.93
N LEU A 85 13.29 -1.56 0.66
CA LEU A 85 13.30 -0.43 -0.26
C LEU A 85 11.97 -0.34 -1.01
N SER A 86 11.32 0.82 -0.92
CA SER A 86 10.04 1.05 -1.57
C SER A 86 9.93 2.54 -1.89
N LEU A 87 9.33 2.89 -3.03
CA LEU A 87 9.17 4.31 -3.34
C LEU A 87 7.89 4.78 -2.71
N GLU A 88 7.18 3.86 -2.06
CA GLU A 88 5.91 4.17 -1.42
C GLU A 88 5.77 3.62 -0.02
N PHE A 89 5.26 4.46 0.86
CA PHE A 89 5.01 4.11 2.25
C PHE A 89 3.72 4.84 2.61
N TYR A 90 2.59 4.14 2.47
CA TYR A 90 1.27 4.70 2.76
C TYR A 90 0.98 4.59 4.26
N MET A 91 1.57 5.49 5.04
CA MET A 91 1.44 5.48 6.50
C MET A 91 0.13 5.91 7.18
N GLY A 92 -0.49 7.00 6.73
CA GLY A 92 -1.70 7.48 7.38
C GLY A 92 -1.34 8.29 8.63
N ARG A 93 -2.27 8.47 9.57
CA ARG A 93 -1.97 9.23 10.80
C ARG A 93 -1.13 8.32 11.71
N THR A 94 -0.34 8.90 12.60
CA THR A 94 0.48 8.07 13.49
C THR A 94 0.28 8.30 15.00
N LEU A 95 -0.60 9.21 15.39
CA LEU A 95 -0.81 9.46 16.82
C LEU A 95 -1.47 8.28 17.56
N GLN A 96 -2.65 7.88 17.09
CA GLN A 96 -3.35 6.79 17.74
C GLN A 96 -2.56 5.49 17.66
N ASN A 97 -2.02 5.21 16.48
CA ASN A 97 -1.24 3.98 16.31
C ASN A 97 -0.06 3.90 17.25
N THR A 98 0.48 5.05 17.63
CA THR A 98 1.63 5.06 18.53
C THR A 98 1.11 4.81 19.94
N MET A 99 -0.06 5.36 20.23
CA MET A 99 -0.65 5.18 21.54
C MET A 99 -1.01 3.71 21.70
N VAL A 100 -1.57 3.13 20.65
CA VAL A 100 -1.95 1.74 20.69
C VAL A 100 -0.76 0.81 20.93
N ASN A 101 0.33 1.01 20.19
CA ASN A 101 1.49 0.13 20.36
C ASN A 101 2.28 0.34 21.64
N LEU A 102 1.99 1.44 22.35
CA LEU A 102 2.68 1.76 23.60
C LEU A 102 1.76 1.58 24.81
N ALA A 103 0.52 1.16 24.55
CA ALA A 103 -0.45 0.94 25.61
C ALA A 103 -0.69 2.26 26.34
N LEU A 104 -0.85 3.33 25.58
CA LEU A 104 -1.04 4.68 26.11
C LEU A 104 -2.41 5.26 25.85
N GLU A 105 -3.21 4.59 25.04
CA GLU A 105 -4.51 5.11 24.66
C GLU A 105 -5.48 5.53 25.76
N ASN A 106 -5.65 4.70 26.79
CA ASN A 106 -6.57 5.04 27.87
C ASN A 106 -6.00 6.14 28.78
N ALA A 107 -4.70 6.06 29.05
CA ALA A 107 -4.05 7.06 29.87
C ALA A 107 -4.17 8.44 29.20
N CYS A 108 -3.89 8.51 27.89
CA CYS A 108 -3.98 9.77 27.18
C CYS A 108 -5.42 10.25 27.09
N ASP A 109 -6.34 9.29 26.94
CA ASP A 109 -7.75 9.61 26.86
C ASP A 109 -8.18 10.24 28.17
N GLU A 110 -7.78 9.62 29.27
CA GLU A 110 -8.12 10.11 30.60
C GLU A 110 -7.53 11.50 30.82
N ALA A 111 -6.22 11.61 30.63
CA ALA A 111 -5.49 12.86 30.82
C ALA A 111 -6.08 14.05 30.06
N THR A 112 -6.36 13.86 28.77
CA THR A 112 -6.91 14.94 27.95
C THR A 112 -8.32 15.29 28.38
N TYR A 113 -9.02 14.28 28.89
CA TYR A 113 -10.39 14.46 29.38
C TYR A 113 -10.32 15.40 30.58
N GLN A 114 -9.44 15.08 31.52
CA GLN A 114 -9.26 15.89 32.72
C GLN A 114 -8.80 17.29 32.33
N LEU A 115 -8.09 17.40 31.22
CA LEU A 115 -7.63 18.70 30.73
C LEU A 115 -8.79 19.38 30.03
N GLY A 116 -9.94 18.71 30.02
CA GLY A 116 -11.13 19.25 29.38
C GLY A 116 -11.14 19.17 27.87
N LEU A 117 -10.46 18.16 27.30
CA LEU A 117 -10.41 18.01 25.85
C LEU A 117 -10.89 16.65 25.36
N ASP A 118 -11.37 16.60 24.12
CA ASP A 118 -11.81 15.34 23.51
C ASP A 118 -10.67 14.84 22.64
N MET A 119 -10.06 13.72 23.04
CA MET A 119 -8.94 13.16 22.29
C MET A 119 -9.31 12.84 20.85
N GLU A 120 -10.50 12.27 20.66
CA GLU A 120 -10.96 11.90 19.32
C GLU A 120 -11.04 13.10 18.39
N GLU A 121 -11.41 14.25 18.93
CA GLU A 121 -11.52 15.48 18.15
C GLU A 121 -10.14 15.98 17.72
N LEU A 122 -9.16 15.72 18.58
CA LEU A 122 -7.77 16.13 18.33
C LEU A 122 -7.10 15.19 17.31
N GLU A 123 -7.45 13.91 17.37
CA GLU A 123 -6.88 12.93 16.45
C GLU A 123 -7.20 13.25 15.00
N GLU A 124 -8.40 13.79 14.79
CA GLU A 124 -8.88 14.15 13.45
C GLU A 124 -8.11 15.31 12.84
N ILE A 125 -7.30 15.99 13.65
CA ILE A 125 -6.55 17.11 13.14
C ILE A 125 -5.26 16.71 12.46
N GLU A 126 -4.73 15.56 12.84
CA GLU A 126 -3.49 15.08 12.25
C GLU A 126 -3.64 14.79 10.77
N GLU A 127 -2.73 15.31 9.97
CA GLU A 127 -2.77 15.08 8.54
C GLU A 127 -2.21 13.69 8.21
N ASP A 128 -2.79 13.04 7.21
CA ASP A 128 -2.36 11.71 6.78
C ASP A 128 -0.99 11.78 6.09
N ALA A 129 -0.19 10.73 6.24
CA ALA A 129 1.11 10.67 5.58
C ALA A 129 0.83 9.86 4.31
N GLY A 130 0.33 10.55 3.29
CA GLY A 130 -0.02 9.88 2.05
C GLY A 130 1.08 9.67 1.02
N LEU A 131 2.20 9.09 1.47
CA LEU A 131 3.31 8.84 0.57
C LEU A 131 3.12 7.50 -0.15
N GLY A 132 1.90 7.28 -0.63
CA GLY A 132 1.58 6.05 -1.32
C GLY A 132 0.35 6.20 -2.21
N ASN A 133 0.18 5.29 -3.15
CA ASN A 133 -0.95 5.33 -4.07
C ASN A 133 -2.06 4.40 -3.65
N GLY A 134 -1.70 3.17 -3.33
CA GLY A 134 -2.70 2.20 -2.94
C GLY A 134 -2.14 0.96 -2.27
N GLY A 135 -2.47 -0.20 -2.85
CA GLY A 135 -2.06 -1.48 -2.31
C GLY A 135 -0.61 -1.68 -1.96
N LEU A 136 0.26 -1.35 -2.91
CA LEU A 136 1.71 -1.50 -2.75
C LEU A 136 2.26 -0.62 -1.63
N GLY A 137 1.84 0.64 -1.60
CA GLY A 137 2.33 1.52 -0.57
C GLY A 137 1.86 1.14 0.82
N ARG A 138 0.60 0.71 0.93
CA ARG A 138 0.02 0.31 2.23
C ARG A 138 0.63 -0.98 2.71
N LEU A 139 1.01 -1.86 1.78
CA LEU A 139 1.63 -3.12 2.18
C LEU A 139 2.92 -2.81 2.93
N ALA A 140 3.71 -1.89 2.37
CA ALA A 140 4.97 -1.48 2.96
C ALA A 140 4.76 -0.96 4.38
N ALA A 141 3.68 -0.22 4.59
CA ALA A 141 3.39 0.32 5.92
C ALA A 141 3.02 -0.79 6.91
N CYS A 142 2.18 -1.74 6.48
CA CYS A 142 1.77 -2.85 7.32
C CYS A 142 2.99 -3.72 7.63
N PHE A 143 3.85 -3.92 6.63
CA PHE A 143 5.05 -4.72 6.81
C PHE A 143 5.97 -4.10 7.86
N LEU A 144 6.13 -2.79 7.81
CA LEU A 144 6.98 -2.10 8.76
C LEU A 144 6.52 -2.39 10.19
N ASP A 145 5.23 -2.23 10.41
CA ASP A 145 4.62 -2.47 11.71
C ASP A 145 4.86 -3.90 12.20
N SER A 146 4.70 -4.88 11.31
CA SER A 146 4.90 -6.28 11.68
C SER A 146 6.36 -6.63 11.95
N MET A 147 7.27 -6.06 11.16
CA MET A 147 8.71 -6.30 11.34
C MET A 147 9.17 -5.80 12.71
N ALA A 148 8.59 -4.69 13.18
CA ALA A 148 8.93 -4.10 14.47
C ALA A 148 8.36 -4.99 15.57
N THR A 149 7.11 -5.40 15.36
CA THR A 149 6.37 -6.27 16.29
C THR A 149 7.02 -7.66 16.40
N LEU A 150 7.70 -8.10 15.36
CA LEU A 150 8.35 -9.40 15.38
C LEU A 150 9.83 -9.22 15.74
N GLY A 151 10.16 -8.03 16.22
CA GLY A 151 11.53 -7.74 16.61
C GLY A 151 12.65 -7.99 15.62
N LEU A 152 12.43 -7.67 14.35
CA LEU A 152 13.47 -7.83 13.36
C LEU A 152 14.25 -6.52 13.25
N ALA A 153 15.54 -6.60 12.97
CA ALA A 153 16.35 -5.39 12.82
C ALA A 153 16.11 -4.90 11.40
N ALA A 154 14.94 -4.31 11.16
CA ALA A 154 14.58 -3.84 9.83
C ALA A 154 14.49 -2.32 9.65
N TYR A 155 14.81 -1.86 8.44
CA TYR A 155 14.77 -0.44 8.12
C TYR A 155 13.96 -0.15 6.88
N GLY A 156 13.02 0.78 6.99
CA GLY A 156 12.23 1.16 5.82
C GLY A 156 12.98 2.30 5.16
N TYR A 157 13.20 2.20 3.85
CA TYR A 157 13.90 3.23 3.11
C TYR A 157 13.10 3.72 1.93
N GLY A 158 12.88 5.03 1.86
CA GLY A 158 12.11 5.60 0.76
C GLY A 158 12.41 7.07 0.52
N ILE A 159 11.46 7.77 -0.11
CA ILE A 159 11.60 9.19 -0.39
C ILE A 159 10.59 9.99 0.41
N ARG A 160 11.04 11.10 0.96
CA ARG A 160 10.18 11.99 1.74
C ARG A 160 9.63 13.04 0.77
N TYR A 161 8.51 12.71 0.14
CA TYR A 161 7.89 13.61 -0.81
C TYR A 161 7.24 14.74 -0.05
N GLU A 162 7.43 15.99 -0.46
CA GLU A 162 6.76 17.02 0.31
C GLU A 162 5.28 17.10 -0.09
N PHE A 163 4.93 16.45 -1.19
CA PHE A 163 3.54 16.39 -1.64
C PHE A 163 3.21 14.93 -1.89
N GLY A 164 2.29 14.37 -1.10
CA GLY A 164 1.90 12.97 -1.27
C GLY A 164 0.84 12.80 -2.34
N ILE A 165 0.06 11.71 -2.26
CA ILE A 165 -0.98 11.49 -3.25
C ILE A 165 -1.94 12.67 -3.13
N PHE A 166 -2.36 13.19 -4.26
CA PHE A 166 -3.25 14.34 -4.29
C PHE A 166 -4.56 14.17 -3.52
N ASN A 167 -5.11 15.29 -3.04
CA ASN A 167 -6.37 15.30 -2.33
C ASN A 167 -7.41 15.36 -3.44
N GLN A 168 -8.41 14.50 -3.37
CA GLN A 168 -9.43 14.47 -4.41
C GLN A 168 -10.67 15.27 -4.03
N LYS A 169 -11.07 16.15 -4.95
CA LYS A 169 -12.25 16.96 -4.74
C LYS A 169 -13.22 16.64 -5.86
N ILE A 170 -14.51 16.56 -5.55
CA ILE A 170 -15.52 16.29 -6.56
C ILE A 170 -16.28 17.57 -6.88
N CYS A 171 -16.15 18.05 -8.11
CA CYS A 171 -16.83 19.26 -8.53
C CYS A 171 -17.75 18.96 -9.68
N GLY A 172 -19.03 19.22 -9.49
CA GLY A 172 -19.99 18.94 -10.54
C GLY A 172 -19.87 17.48 -10.93
N GLY A 173 -19.50 16.65 -9.96
CA GLY A 173 -19.37 15.22 -10.23
C GLY A 173 -18.04 14.77 -10.81
N TRP A 174 -17.17 15.72 -11.14
CA TRP A 174 -15.86 15.38 -11.68
C TRP A 174 -14.80 15.46 -10.59
N GLN A 175 -13.75 14.66 -10.73
CA GLN A 175 -12.68 14.68 -9.75
C GLN A 175 -11.76 15.87 -10.05
N MET A 176 -11.40 16.61 -9.01
CA MET A 176 -10.49 17.74 -9.13
C MET A 176 -9.31 17.36 -8.25
N GLU A 177 -8.10 17.55 -8.75
CA GLU A 177 -6.94 17.21 -7.97
C GLU A 177 -6.36 18.46 -7.37
N GLU A 178 -5.88 18.36 -6.13
CA GLU A 178 -5.27 19.48 -5.46
C GLU A 178 -4.13 19.02 -4.57
N ALA A 179 -3.00 19.72 -4.68
CA ALA A 179 -1.78 19.42 -3.93
C ALA A 179 -1.99 19.08 -2.47
N ASP A 180 -1.37 17.98 -2.06
CA ASP A 180 -1.44 17.50 -0.69
C ASP A 180 -0.27 18.06 0.09
N ASP A 181 -0.44 19.25 0.65
CA ASP A 181 0.61 19.91 1.42
C ASP A 181 0.60 19.41 2.86
N TRP A 182 0.91 18.13 3.05
CA TRP A 182 0.89 17.51 4.38
C TRP A 182 1.90 18.01 5.42
N LEU A 183 2.92 18.72 4.96
CA LEU A 183 3.93 19.25 5.87
C LEU A 183 3.67 20.71 6.24
N ARG A 184 2.65 21.29 5.61
CA ARG A 184 2.26 22.68 5.85
C ARG A 184 2.42 23.12 7.31
N TYR A 185 1.89 22.34 8.24
CA TYR A 185 1.95 22.65 9.68
C TYR A 185 3.08 21.96 10.44
N GLY A 186 3.87 21.14 9.75
CA GLY A 186 4.95 20.44 10.41
C GLY A 186 4.63 18.99 10.67
N ASN A 187 5.69 18.21 10.87
CA ASN A 187 5.57 16.80 11.15
C ASN A 187 6.31 16.52 12.45
N PRO A 188 5.57 16.37 13.55
CA PRO A 188 6.19 16.12 14.84
C PRO A 188 6.87 14.76 14.98
N TRP A 189 6.57 13.84 14.08
CA TRP A 189 7.13 12.51 14.17
C TRP A 189 8.53 12.32 13.62
N GLU A 190 8.85 13.00 12.53
CA GLU A 190 10.17 12.86 11.91
C GLU A 190 11.28 13.63 12.63
N LYS A 191 12.50 13.18 12.37
CA LYS A 191 13.68 13.80 12.94
C LYS A 191 14.68 14.00 11.81
N ALA A 192 14.88 15.25 11.39
CA ALA A 192 15.81 15.56 10.32
C ALA A 192 17.19 15.21 10.80
N ARG A 193 17.97 14.57 9.94
CA ARG A 193 19.33 14.17 10.28
C ARG A 193 20.29 14.73 9.24
N PRO A 194 20.41 16.06 9.15
CA PRO A 194 21.29 16.73 8.18
C PRO A 194 22.74 16.30 8.26
N GLU A 195 23.15 15.77 9.41
CA GLU A 195 24.53 15.33 9.58
C GLU A 195 24.86 14.03 8.82
N PHE A 196 23.86 13.35 8.27
CA PHE A 196 24.12 12.11 7.53
C PHE A 196 23.77 12.29 6.05
N THR A 197 23.82 13.53 5.58
CA THR A 197 23.53 13.84 4.19
C THR A 197 24.55 13.12 3.32
N LEU A 198 24.07 12.59 2.19
CA LEU A 198 24.93 11.85 1.28
C LEU A 198 24.81 12.42 -0.12
N PRO A 199 25.86 12.28 -0.94
CA PRO A 199 25.81 12.79 -2.31
C PRO A 199 25.34 11.70 -3.28
N VAL A 200 24.59 12.11 -4.30
CA VAL A 200 24.09 11.17 -5.31
C VAL A 200 24.49 11.78 -6.66
N HIS A 201 24.90 10.94 -7.59
CA HIS A 201 25.33 11.43 -8.91
C HIS A 201 24.39 11.12 -10.05
N PHE A 202 24.40 12.00 -11.06
CA PHE A 202 23.58 11.86 -12.25
C PHE A 202 24.39 12.30 -13.46
N TYR A 203 23.99 11.82 -14.62
CA TYR A 203 24.62 12.15 -15.90
C TYR A 203 26.09 11.75 -15.94
N GLY A 204 26.95 12.67 -16.37
CA GLY A 204 28.37 12.38 -16.45
C GLY A 204 28.70 11.49 -17.64
N ARG A 205 29.83 10.77 -17.54
CA ARG A 205 30.27 9.86 -18.60
C ARG A 205 31.20 8.81 -17.98
N VAL A 206 31.57 7.80 -18.75
CA VAL A 206 32.43 6.74 -18.23
C VAL A 206 33.81 6.69 -18.88
N GLU A 207 34.84 6.79 -18.03
CA GLU A 207 36.23 6.75 -18.48
C GLU A 207 36.79 5.39 -18.14
N HIS A 208 37.39 4.72 -19.12
CA HIS A 208 37.99 3.41 -18.92
C HIS A 208 39.49 3.60 -18.82
N THR A 209 40.01 3.58 -17.59
CA THR A 209 41.43 3.79 -17.39
C THR A 209 42.14 2.67 -16.65
N SER A 210 43.29 2.28 -17.22
CA SER A 210 44.17 1.26 -16.67
C SER A 210 43.51 0.21 -15.78
N GLN A 211 43.27 0.57 -14.52
CA GLN A 211 42.67 -0.38 -13.58
C GLN A 211 41.21 -0.10 -13.23
N GLY A 212 40.33 -0.11 -14.24
CA GLY A 212 38.93 0.10 -13.98
C GLY A 212 38.25 1.27 -14.65
N ALA A 213 36.92 1.22 -14.66
CA ALA A 213 36.10 2.27 -15.25
C ALA A 213 35.86 3.34 -14.19
N LYS A 214 35.58 4.57 -14.61
CA LYS A 214 35.34 5.66 -13.68
C LYS A 214 34.15 6.48 -14.15
N TRP A 215 33.18 6.68 -13.25
CA TRP A 215 32.02 7.48 -13.59
C TRP A 215 32.51 8.90 -13.29
N VAL A 216 32.55 9.72 -14.33
CA VAL A 216 33.08 11.07 -14.23
C VAL A 216 32.19 12.21 -14.74
N ASP A 217 32.52 13.45 -14.33
CA ASP A 217 31.80 14.67 -14.72
C ASP A 217 30.31 14.62 -14.42
N THR A 218 29.97 14.15 -13.22
CA THR A 218 28.58 14.01 -12.83
C THR A 218 27.98 15.24 -12.15
N GLN A 219 26.66 15.29 -12.11
CA GLN A 219 25.95 16.38 -11.46
C GLN A 219 25.61 15.81 -10.08
N VAL A 220 25.94 16.53 -9.02
CA VAL A 220 25.68 16.04 -7.67
C VAL A 220 24.42 16.63 -7.02
N VAL A 221 23.62 15.75 -6.45
CA VAL A 221 22.43 16.17 -5.71
C VAL A 221 22.62 15.51 -4.35
N LEU A 222 22.28 16.22 -3.28
CA LEU A 222 22.45 15.67 -1.95
C LEU A 222 21.17 15.04 -1.43
N ALA A 223 21.34 13.94 -0.72
CA ALA A 223 20.22 13.22 -0.13
C ALA A 223 20.32 13.39 1.37
N MET A 224 19.37 14.14 1.94
CA MET A 224 19.33 14.39 3.37
C MET A 224 18.27 13.45 3.98
N PRO A 225 18.64 12.65 5.00
CA PRO A 225 17.70 11.71 5.63
C PRO A 225 16.83 12.27 6.76
N TYR A 226 15.66 11.67 6.90
CA TYR A 226 14.70 12.04 7.93
C TYR A 226 14.25 10.71 8.53
N ASP A 227 14.37 10.55 9.85
CA ASP A 227 13.96 9.31 10.48
C ASP A 227 12.64 9.40 11.22
N THR A 228 11.75 8.45 10.94
CA THR A 228 10.47 8.39 11.63
C THR A 228 10.49 7.08 12.40
N PRO A 229 10.08 7.11 13.68
CA PRO A 229 10.06 5.90 14.50
C PRO A 229 8.92 4.95 14.12
N VAL A 230 9.20 3.65 14.14
CA VAL A 230 8.21 2.62 13.84
C VAL A 230 8.17 1.70 15.06
N PRO A 231 7.20 1.90 15.96
CA PRO A 231 7.04 1.09 17.18
C PRO A 231 6.34 -0.25 17.01
N GLY A 232 6.93 -1.29 17.58
CA GLY A 232 6.34 -2.62 17.54
C GLY A 232 5.21 -2.68 18.54
N TYR A 233 4.37 -3.70 18.47
CA TYR A 233 3.25 -3.79 19.40
C TYR A 233 3.66 -4.26 20.80
N ARG A 234 3.58 -3.32 21.73
CA ARG A 234 3.89 -3.56 23.13
C ARG A 234 5.12 -4.40 23.42
N ASN A 235 6.19 -4.22 22.66
CA ASN A 235 7.39 -5.01 22.92
C ASN A 235 8.63 -4.15 23.11
N ASN A 236 8.43 -2.83 23.15
CA ASN A 236 9.51 -1.87 23.35
C ASN A 236 10.53 -1.81 22.22
N VAL A 237 10.14 -2.25 21.03
CA VAL A 237 11.03 -2.21 19.89
C VAL A 237 10.56 -1.03 19.01
N VAL A 238 11.48 -0.13 18.67
CA VAL A 238 11.14 1.01 17.81
C VAL A 238 12.16 1.01 16.69
N ASN A 239 11.73 0.58 15.49
CA ASN A 239 12.62 0.54 14.34
C ASN A 239 12.60 1.88 13.64
N THR A 240 13.31 1.99 12.53
CA THR A 240 13.38 3.26 11.81
C THR A 240 12.94 3.26 10.38
N MET A 241 12.26 4.34 9.99
CA MET A 241 11.88 4.50 8.59
C MET A 241 12.68 5.73 8.15
N ARG A 242 13.67 5.53 7.27
CA ARG A 242 14.47 6.64 6.81
C ARG A 242 14.03 7.11 5.44
N LEU A 243 13.57 8.35 5.37
CA LEU A 243 13.09 8.96 4.13
C LEU A 243 14.07 10.05 3.67
N TRP A 244 14.55 9.93 2.43
CA TRP A 244 15.51 10.88 1.86
C TRP A 244 14.84 12.10 1.23
N SER A 245 15.50 13.25 1.40
CA SER A 245 15.04 14.53 0.82
C SER A 245 16.14 15.06 -0.08
N ALA A 246 15.78 15.61 -1.23
CA ALA A 246 16.77 16.14 -2.18
C ALA A 246 17.20 17.55 -1.84
N LYS A 247 18.50 17.80 -1.87
CA LYS A 247 19.07 19.10 -1.56
C LYS A 247 20.16 19.44 -2.57
N ALA A 248 20.24 20.70 -2.97
CA ALA A 248 21.25 21.10 -3.93
C ALA A 248 22.56 21.44 -3.25
N PRO A 249 23.69 21.08 -3.87
CA PRO A 249 24.94 21.43 -3.18
C PRO A 249 25.05 22.95 -3.31
N ASN A 250 25.74 23.59 -2.38
CA ASN A 250 25.87 25.04 -2.45
C ASN A 250 27.06 25.48 -3.32
N ASP A 251 27.85 24.53 -3.82
CA ASP A 251 28.99 24.86 -4.66
C ASP A 251 28.58 24.92 -6.14
N PHE A 252 28.85 23.87 -6.91
CA PHE A 252 28.53 23.83 -8.35
C PHE A 252 27.16 24.42 -8.70
N ASN A 253 26.16 24.20 -7.84
CA ASN A 253 24.84 24.76 -8.10
C ASN A 253 24.96 26.22 -7.70
N LEU A 254 25.98 26.87 -8.27
CA LEU A 254 26.32 28.27 -8.03
C LEU A 254 27.74 28.55 -8.51
N LYS A 255 28.65 27.62 -8.24
CA LYS A 255 30.07 27.74 -8.58
C LYS A 255 30.48 27.50 -10.05
N ASP A 256 29.66 26.80 -10.82
CA ASP A 256 29.99 26.61 -12.23
C ASP A 256 29.81 28.01 -12.82
N PHE A 257 30.89 28.77 -12.77
CA PHE A 257 30.93 30.16 -13.22
C PHE A 257 30.95 30.49 -14.72
N ASN A 258 30.96 31.80 -14.99
CA ASN A 258 31.00 32.40 -16.31
C ASN A 258 29.65 32.85 -16.87
N VAL A 259 29.02 33.80 -16.16
CA VAL A 259 27.74 34.38 -16.54
C VAL A 259 26.51 33.48 -16.52
N GLY A 260 25.37 34.08 -16.16
CA GLY A 260 24.12 33.37 -16.08
C GLY A 260 23.23 34.12 -15.09
N GLY A 261 23.87 34.62 -14.03
CA GLY A 261 23.18 35.36 -12.99
C GLY A 261 23.33 34.69 -11.63
N TYR A 262 23.64 35.49 -10.60
CA TYR A 262 23.81 34.97 -9.26
C TYR A 262 22.44 34.60 -8.67
N ILE A 263 21.45 35.46 -8.91
CA ILE A 263 20.10 35.24 -8.43
C ILE A 263 19.54 33.98 -9.08
N GLN A 264 19.59 33.92 -10.41
CA GLN A 264 19.10 32.77 -11.14
C GLN A 264 19.73 31.46 -10.68
N ALA A 265 21.02 31.50 -10.38
CA ALA A 265 21.73 30.31 -9.92
C ALA A 265 21.12 29.76 -8.64
N VAL A 266 20.80 30.67 -7.72
CA VAL A 266 20.23 30.27 -6.45
C VAL A 266 18.80 29.75 -6.65
N LEU A 267 18.05 30.39 -7.55
CA LEU A 267 16.68 30.00 -7.86
C LEU A 267 16.65 28.67 -8.59
N ASP A 268 17.73 28.38 -9.30
CA ASP A 268 17.83 27.15 -10.07
C ASP A 268 18.13 25.92 -9.22
N ARG A 269 18.36 26.12 -7.93
CA ARG A 269 18.63 24.99 -7.03
C ARG A 269 17.39 24.13 -7.00
N ASN A 270 16.25 24.76 -7.22
CA ASN A 270 14.97 24.08 -7.24
C ASN A 270 14.84 23.45 -8.62
N LEU A 271 15.67 22.43 -8.84
CA LEU A 271 15.74 21.70 -10.10
C LEU A 271 16.32 20.37 -9.68
N ALA A 272 17.22 20.44 -8.70
CA ALA A 272 17.84 19.26 -8.16
C ALA A 272 16.93 18.83 -7.00
N GLU A 273 16.27 19.81 -6.40
CA GLU A 273 15.40 19.54 -5.27
C GLU A 273 14.02 19.04 -5.68
N ASN A 274 13.71 19.16 -6.96
CA ASN A 274 12.42 18.70 -7.49
C ASN A 274 12.33 17.19 -7.47
N ILE A 275 13.47 16.53 -7.26
CA ILE A 275 13.52 15.08 -7.23
C ILE A 275 12.64 14.47 -6.12
N SER A 276 12.51 15.16 -5.01
CA SER A 276 11.70 14.64 -3.91
C SER A 276 10.47 15.48 -3.67
N ARG A 277 10.09 16.29 -4.64
CA ARG A 277 8.96 17.15 -4.48
C ARG A 277 7.60 16.49 -4.41
N VAL A 278 7.33 15.60 -5.35
CA VAL A 278 6.02 14.96 -5.42
C VAL A 278 6.01 13.48 -5.82
N LEU A 279 5.04 12.74 -5.27
CA LEU A 279 4.89 11.33 -5.57
C LEU A 279 4.10 11.18 -6.88
N TYR A 280 4.52 10.28 -7.76
CA TYR A 280 3.79 10.03 -9.01
C TYR A 280 2.51 9.29 -8.60
N PRO A 281 1.33 9.85 -8.95
CA PRO A 281 0.03 9.27 -8.63
C PRO A 281 -0.49 8.10 -9.48
N ASN A 282 0.42 7.30 -10.01
CA ASN A 282 0.04 6.14 -10.83
C ASN A 282 -0.04 4.85 -10.04
N ASP A 283 -1.17 4.16 -10.16
CA ASP A 283 -1.37 2.89 -9.48
C ASP A 283 -1.43 1.83 -10.58
N ASN A 284 -0.56 0.83 -10.51
CA ASN A 284 -0.54 -0.22 -11.52
C ASN A 284 -0.50 0.34 -12.95
N PHE A 285 0.39 1.30 -13.17
CA PHE A 285 0.57 1.91 -14.49
C PHE A 285 1.96 2.52 -14.55
N PHE A 286 2.66 2.30 -15.65
CA PHE A 286 4.01 2.82 -15.78
C PHE A 286 4.12 4.03 -16.71
N GLU A 287 4.75 5.08 -16.19
CA GLU A 287 4.98 6.32 -16.92
C GLU A 287 6.51 6.51 -17.02
N GLY A 288 7.03 6.44 -18.24
CA GLY A 288 8.46 6.58 -18.44
C GLY A 288 8.97 8.00 -18.49
N LYS A 289 8.80 8.74 -17.40
CA LYS A 289 9.25 10.13 -17.33
C LYS A 289 10.62 10.15 -16.66
N GLU A 290 11.44 11.14 -17.00
CA GLU A 290 12.78 11.26 -16.44
C GLU A 290 12.78 11.55 -14.95
N LEU A 291 11.86 12.40 -14.51
CA LEU A 291 11.77 12.73 -13.09
C LEU A 291 11.61 11.46 -12.24
N ARG A 292 10.82 10.51 -12.74
CA ARG A 292 10.58 9.24 -12.03
C ARG A 292 11.86 8.42 -11.92
N LEU A 293 12.57 8.27 -13.03
CA LEU A 293 13.80 7.50 -13.02
C LEU A 293 14.78 8.11 -12.05
N LYS A 294 14.77 9.45 -11.94
CA LYS A 294 15.66 10.17 -11.04
C LYS A 294 15.32 9.87 -9.57
N GLN A 295 14.03 9.77 -9.28
CA GLN A 295 13.60 9.47 -7.93
C GLN A 295 14.04 8.06 -7.59
N GLU A 296 13.90 7.18 -8.57
CA GLU A 296 14.28 5.78 -8.39
C GLU A 296 15.76 5.59 -8.10
N TYR A 297 16.61 6.26 -8.85
CA TYR A 297 18.04 6.11 -8.60
C TYR A 297 18.42 6.83 -7.31
N PHE A 298 17.73 7.93 -7.04
CA PHE A 298 17.97 8.73 -5.84
C PHE A 298 17.78 7.94 -4.54
N VAL A 299 16.68 7.21 -4.41
CA VAL A 299 16.45 6.44 -3.18
C VAL A 299 17.44 5.28 -3.09
N VAL A 300 17.75 4.69 -4.24
CA VAL A 300 18.67 3.55 -4.34
C VAL A 300 20.11 3.89 -3.99
N ALA A 301 20.65 4.94 -4.62
CA ALA A 301 22.03 5.38 -4.40
C ALA A 301 22.32 5.79 -2.95
N ALA A 302 21.43 6.59 -2.37
CA ALA A 302 21.61 7.06 -1.00
C ALA A 302 21.50 5.93 0.01
N THR A 303 20.49 5.07 -0.18
CA THR A 303 20.24 3.94 0.70
C THR A 303 21.39 2.93 0.72
N LEU A 304 21.96 2.64 -0.45
CA LEU A 304 23.04 1.68 -0.49
C LEU A 304 24.30 2.19 0.20
N GLN A 305 24.59 3.50 0.11
CA GLN A 305 25.76 4.06 0.78
C GLN A 305 25.56 3.89 2.28
N ASP A 306 24.32 4.09 2.74
CA ASP A 306 23.98 3.97 4.15
C ASP A 306 24.09 2.54 4.61
N ILE A 307 23.66 1.61 3.76
CA ILE A 307 23.73 0.20 4.11
C ILE A 307 25.18 -0.26 4.27
N ILE A 308 26.02 0.13 3.30
CA ILE A 308 27.43 -0.24 3.32
C ILE A 308 28.19 0.39 4.48
N ARG A 309 27.88 1.64 4.81
CA ARG A 309 28.54 2.31 5.92
C ARG A 309 28.26 1.55 7.22
N ARG A 310 27.01 1.17 7.40
CA ARG A 310 26.60 0.42 8.57
C ARG A 310 27.31 -0.94 8.59
N PHE A 311 27.48 -1.56 7.42
CA PHE A 311 28.16 -2.86 7.35
C PHE A 311 29.65 -2.68 7.66
N LYS A 312 30.26 -1.65 7.10
CA LYS A 312 31.67 -1.41 7.32
C LYS A 312 32.02 -1.21 8.79
N SER A 313 31.02 -0.92 9.62
CA SER A 313 31.25 -0.76 11.06
C SER A 313 31.00 -2.13 11.71
N SER A 314 29.74 -2.59 11.71
CA SER A 314 29.38 -3.90 12.27
C SER A 314 30.40 -4.39 13.30
N LYS A 315 31.01 -5.53 12.99
CA LYS A 315 32.03 -6.13 13.84
C LYS A 315 33.25 -6.36 12.97
N PHE A 316 33.14 -5.99 11.70
CA PHE A 316 34.23 -6.12 10.74
C PHE A 316 35.02 -4.82 10.88
N GLY A 317 34.27 -3.77 11.21
CA GLY A 317 34.87 -2.46 11.41
C GLY A 317 35.45 -2.43 12.81
N CYS A 318 36.07 -3.54 13.17
CA CYS A 318 36.72 -3.73 14.47
C CYS A 318 37.79 -4.79 14.25
N ARG A 319 37.38 -5.96 13.74
CA ARG A 319 38.31 -7.04 13.46
C ARG A 319 37.78 -8.09 12.46
N ASP A 320 37.37 -9.25 12.95
CA ASP A 320 36.86 -10.33 12.11
C ASP A 320 38.03 -10.85 11.26
N PRO A 321 37.79 -11.35 10.02
CA PRO A 321 39.00 -11.80 9.33
C PRO A 321 40.02 -10.68 9.09
N VAL A 322 39.53 -9.44 9.10
CA VAL A 322 40.33 -8.25 8.86
C VAL A 322 40.74 -8.29 7.39
N ARG A 323 40.08 -7.42 6.62
CA ARG A 323 40.22 -7.28 5.18
C ARG A 323 38.76 -7.13 4.84
N THR A 324 38.32 -5.96 4.38
CA THR A 324 36.92 -5.76 4.06
C THR A 324 36.43 -6.86 3.13
N ASN A 325 36.11 -8.01 3.71
CA ASN A 325 35.65 -9.13 2.93
C ASN A 325 34.15 -9.07 2.86
N PHE A 326 33.66 -8.80 1.65
CA PHE A 326 32.24 -8.68 1.42
C PHE A 326 31.56 -10.04 1.28
N ASP A 327 32.31 -11.10 1.56
CA ASP A 327 31.79 -12.45 1.48
C ASP A 327 30.71 -12.63 2.54
N ALA A 328 30.83 -11.89 3.63
CA ALA A 328 29.86 -11.98 4.72
C ALA A 328 28.77 -10.93 4.54
N PHE A 329 28.85 -10.16 3.47
CA PHE A 329 27.85 -9.13 3.21
C PHE A 329 26.44 -9.72 3.23
N PRO A 330 26.20 -10.80 2.45
CA PRO A 330 24.87 -11.43 2.41
C PRO A 330 24.41 -11.98 3.77
N ASP A 331 25.35 -12.25 4.67
CA ASP A 331 25.04 -12.78 5.99
C ASP A 331 24.64 -11.69 6.97
N LYS A 332 24.88 -10.45 6.57
CA LYS A 332 24.56 -9.33 7.43
C LYS A 332 23.56 -8.39 6.77
N VAL A 333 23.38 -8.53 5.47
CA VAL A 333 22.45 -7.66 4.75
C VAL A 333 21.43 -8.36 3.89
N ALA A 334 20.20 -7.84 3.92
CA ALA A 334 19.14 -8.37 3.10
C ALA A 334 18.38 -7.15 2.63
N ILE A 335 18.25 -6.99 1.31
CA ILE A 335 17.49 -5.87 0.78
C ILE A 335 16.34 -6.40 -0.06
N GLN A 336 15.12 -6.03 0.32
CA GLN A 336 13.90 -6.45 -0.36
C GLN A 336 13.41 -5.37 -1.32
N LEU A 337 13.20 -5.76 -2.57
CA LEU A 337 12.75 -4.84 -3.59
C LEU A 337 11.23 -4.88 -3.70
N ASN A 338 10.58 -3.81 -3.25
CA ASN A 338 9.12 -3.71 -3.33
C ASN A 338 8.83 -3.27 -4.77
N ASP A 339 8.60 -4.26 -5.63
CA ASP A 339 8.34 -4.06 -7.06
C ASP A 339 9.68 -3.72 -7.73
N THR A 340 9.64 -3.34 -9.00
CA THR A 340 10.87 -3.04 -9.70
C THR A 340 11.30 -1.59 -9.57
N HIS A 341 10.57 -0.81 -8.79
CA HIS A 341 10.92 0.60 -8.61
C HIS A 341 12.34 0.83 -8.12
N PRO A 342 12.83 0.01 -7.17
CA PRO A 342 14.18 0.12 -6.63
C PRO A 342 15.13 -0.86 -7.31
N SER A 343 14.75 -1.34 -8.48
CA SER A 343 15.56 -2.30 -9.23
C SER A 343 16.99 -1.86 -9.54
N LEU A 344 17.25 -0.55 -9.57
CA LEU A 344 18.59 -0.05 -9.86
C LEU A 344 19.56 -0.41 -8.75
N ALA A 345 19.03 -0.89 -7.64
CA ALA A 345 19.86 -1.29 -6.51
C ALA A 345 20.77 -2.43 -6.96
N ILE A 346 20.30 -3.25 -7.89
CA ILE A 346 21.09 -4.37 -8.39
C ILE A 346 22.34 -3.90 -9.15
N PRO A 347 22.16 -3.14 -10.24
CA PRO A 347 23.37 -2.69 -10.93
C PRO A 347 24.20 -1.69 -10.11
N GLU A 348 23.55 -0.98 -9.17
CA GLU A 348 24.27 -0.02 -8.34
C GLU A 348 25.14 -0.74 -7.32
N LEU A 349 24.63 -1.85 -6.77
CA LEU A 349 25.40 -2.62 -5.80
C LEU A 349 26.61 -3.17 -6.54
N MET A 350 26.41 -3.54 -7.80
CA MET A 350 27.50 -4.07 -8.61
C MET A 350 28.54 -2.97 -8.87
N ARG A 351 28.05 -1.78 -9.21
CA ARG A 351 28.91 -0.65 -9.48
C ARG A 351 29.85 -0.32 -8.32
N VAL A 352 29.30 -0.30 -7.11
CA VAL A 352 30.10 0.02 -5.95
C VAL A 352 31.15 -1.07 -5.71
N LEU A 353 30.69 -2.31 -5.59
CA LEU A 353 31.59 -3.44 -5.34
C LEU A 353 32.71 -3.56 -6.36
N VAL A 354 32.35 -3.39 -7.63
CA VAL A 354 33.31 -3.53 -8.72
C VAL A 354 34.18 -2.30 -8.93
N ASP A 355 33.53 -1.17 -9.20
CA ASP A 355 34.22 0.09 -9.46
C ASP A 355 34.92 0.76 -8.30
N LEU A 356 34.33 0.68 -7.11
CA LEU A 356 34.91 1.33 -5.94
C LEU A 356 35.70 0.41 -5.03
N GLU A 357 35.07 -0.70 -4.62
CA GLU A 357 35.73 -1.67 -3.73
C GLU A 357 36.68 -2.59 -4.48
N ARG A 358 36.56 -2.61 -5.80
CA ARG A 358 37.43 -3.41 -6.67
C ARG A 358 37.34 -4.94 -6.55
N LEU A 359 36.13 -5.47 -6.41
CA LEU A 359 35.96 -6.92 -6.33
C LEU A 359 35.88 -7.39 -7.78
N ASP A 360 36.11 -8.68 -8.00
CA ASP A 360 36.01 -9.21 -9.35
C ASP A 360 34.53 -9.37 -9.65
N TRP A 361 34.17 -9.25 -10.91
CA TRP A 361 32.77 -9.36 -11.32
C TRP A 361 32.03 -10.51 -10.66
N ASP A 362 32.53 -11.73 -10.86
CA ASP A 362 31.88 -12.93 -10.33
C ASP A 362 31.68 -12.98 -8.82
N LYS A 363 32.62 -12.44 -8.06
CA LYS A 363 32.49 -12.42 -6.61
C LYS A 363 31.42 -11.37 -6.27
N ALA A 364 31.47 -10.24 -6.96
CA ALA A 364 30.51 -9.16 -6.77
C ALA A 364 29.09 -9.63 -7.09
N TRP A 365 28.93 -10.32 -8.21
CA TRP A 365 27.62 -10.84 -8.64
C TRP A 365 27.07 -11.84 -7.62
N GLU A 366 27.94 -12.73 -7.13
CA GLU A 366 27.51 -13.71 -6.15
C GLU A 366 26.97 -13.00 -4.91
N VAL A 367 27.67 -11.95 -4.49
CA VAL A 367 27.25 -11.18 -3.33
C VAL A 367 25.92 -10.48 -3.60
N THR A 368 25.79 -9.84 -4.75
CA THR A 368 24.57 -9.13 -5.10
C THR A 368 23.33 -10.03 -5.20
N VAL A 369 23.48 -11.19 -5.84
CA VAL A 369 22.36 -12.11 -6.00
C VAL A 369 21.92 -12.66 -4.64
N LYS A 370 22.90 -12.88 -3.78
CA LYS A 370 22.63 -13.41 -2.46
C LYS A 370 22.01 -12.42 -1.49
N THR A 371 22.12 -11.12 -1.73
CA THR A 371 21.51 -10.19 -0.79
C THR A 371 20.20 -9.57 -1.27
N CYS A 372 19.94 -9.62 -2.57
CA CYS A 372 18.73 -9.02 -3.15
C CYS A 372 17.59 -10.00 -3.39
N ALA A 373 16.38 -9.56 -3.11
CA ALA A 373 15.18 -10.35 -3.34
C ALA A 373 14.12 -9.41 -3.91
N TYR A 374 13.31 -9.92 -4.83
CA TYR A 374 12.30 -9.11 -5.51
C TYR A 374 10.85 -9.59 -5.33
N THR A 375 9.94 -8.64 -5.14
CA THR A 375 8.53 -8.94 -4.97
C THR A 375 7.75 -8.34 -6.13
N ASN A 376 7.01 -9.19 -6.84
CA ASN A 376 6.20 -8.74 -7.97
C ASN A 376 4.77 -8.48 -7.48
N HIS A 377 4.15 -7.41 -8.00
CA HIS A 377 2.80 -7.03 -7.60
C HIS A 377 1.69 -7.02 -8.65
N THR A 378 2.00 -7.31 -9.91
CA THR A 378 0.96 -7.28 -10.94
C THR A 378 1.37 -8.03 -12.19
N VAL A 379 0.37 -8.39 -13.00
CA VAL A 379 0.62 -9.10 -14.23
C VAL A 379 0.18 -8.32 -15.46
N ILE A 380 -0.45 -7.17 -15.27
CA ILE A 380 -0.88 -6.38 -16.43
C ILE A 380 0.35 -5.69 -17.05
N PRO A 381 0.50 -5.81 -18.38
CA PRO A 381 1.59 -5.25 -19.19
C PRO A 381 1.87 -3.76 -19.04
N GLU A 382 0.81 -2.96 -18.92
CA GLU A 382 0.96 -1.51 -18.78
C GLU A 382 1.53 -1.09 -17.43
N ALA A 383 1.62 -2.04 -16.50
CA ALA A 383 2.16 -1.76 -15.17
C ALA A 383 3.64 -2.12 -15.09
N LEU A 384 4.15 -2.81 -16.12
CA LEU A 384 5.55 -3.22 -16.21
C LEU A 384 6.51 -2.07 -16.56
N GLU A 385 7.62 -1.99 -15.84
CA GLU A 385 8.63 -0.96 -16.07
C GLU A 385 9.62 -1.36 -17.15
N ARG A 386 9.54 -0.66 -18.28
CA ARG A 386 10.44 -0.88 -19.41
C ARG A 386 11.00 0.50 -19.74
N TRP A 387 12.20 0.77 -19.25
CA TRP A 387 12.85 2.05 -19.45
C TRP A 387 13.63 2.17 -20.75
N PRO A 388 13.33 3.20 -21.55
CA PRO A 388 14.02 3.42 -22.83
C PRO A 388 15.53 3.53 -22.58
N VAL A 389 16.31 2.79 -23.35
CA VAL A 389 17.76 2.81 -23.20
C VAL A 389 18.37 4.21 -23.32
N HIS A 390 17.86 5.05 -24.22
CA HIS A 390 18.41 6.40 -24.39
C HIS A 390 18.32 7.23 -23.12
N LEU A 391 17.37 6.88 -22.26
CA LEU A 391 17.20 7.60 -21.00
C LEU A 391 18.30 7.16 -20.04
N LEU A 392 18.48 5.85 -19.93
CA LEU A 392 19.49 5.27 -19.05
C LEU A 392 20.89 5.68 -19.51
N GLU A 393 21.06 5.73 -20.82
CA GLU A 393 22.30 6.09 -21.48
C GLU A 393 22.81 7.49 -21.10
N THR A 394 21.88 8.44 -21.02
CA THR A 394 22.17 9.84 -20.69
C THR A 394 22.28 10.12 -19.20
N LEU A 395 21.36 9.54 -18.44
CA LEU A 395 21.30 9.76 -17.01
C LEU A 395 22.21 8.90 -16.14
N LEU A 396 22.33 7.61 -16.46
CA LEU A 396 23.16 6.68 -15.68
C LEU A 396 23.97 5.83 -16.65
N PRO A 397 24.97 6.43 -17.32
CA PRO A 397 25.82 5.74 -18.29
C PRO A 397 26.53 4.47 -17.82
N ARG A 398 27.07 4.48 -16.61
CA ARG A 398 27.77 3.29 -16.14
C ARG A 398 26.81 2.15 -15.78
N HIS A 399 25.60 2.48 -15.34
CA HIS A 399 24.63 1.45 -14.98
C HIS A 399 24.13 0.70 -16.20
N LEU A 400 24.05 1.41 -17.32
CA LEU A 400 23.60 0.80 -18.57
C LEU A 400 24.65 -0.23 -19.00
N GLN A 401 25.92 0.13 -18.84
CA GLN A 401 27.02 -0.77 -19.20
C GLN A 401 26.95 -2.02 -18.34
N ILE A 402 26.74 -1.82 -17.05
CA ILE A 402 26.64 -2.93 -16.11
C ILE A 402 25.46 -3.82 -16.48
N ILE A 403 24.35 -3.22 -16.84
CA ILE A 403 23.15 -3.94 -17.23
C ILE A 403 23.40 -4.78 -18.50
N TYR A 404 24.15 -4.22 -19.44
CA TYR A 404 24.45 -4.91 -20.69
C TYR A 404 25.32 -6.13 -20.40
N GLU A 405 26.24 -5.96 -19.46
CA GLU A 405 27.16 -7.01 -19.08
C GLU A 405 26.43 -8.10 -18.31
N ILE A 406 25.42 -7.70 -17.53
CA ILE A 406 24.64 -8.64 -16.75
C ILE A 406 23.82 -9.48 -17.72
N ASN A 407 23.24 -8.81 -18.71
CA ASN A 407 22.43 -9.45 -19.74
C ASN A 407 23.29 -10.47 -20.52
N GLN A 408 24.47 -10.03 -20.94
CA GLN A 408 25.40 -10.88 -21.68
C GLN A 408 25.67 -12.20 -21.00
N ARG A 409 26.07 -12.14 -19.74
CA ARG A 409 26.39 -13.33 -18.98
C ARG A 409 25.16 -14.17 -18.62
N PHE A 410 24.01 -13.51 -18.46
CA PHE A 410 22.79 -14.22 -18.14
C PHE A 410 22.34 -15.05 -19.34
N LEU A 411 22.28 -14.40 -20.49
CA LEU A 411 21.87 -15.06 -21.72
C LEU A 411 22.78 -16.23 -22.07
N ASN A 412 24.06 -16.13 -21.71
CA ASN A 412 25.01 -17.20 -21.98
C ASN A 412 24.63 -18.40 -21.14
N ARG A 413 24.03 -18.13 -19.99
CA ARG A 413 23.59 -19.17 -19.08
C ARG A 413 22.40 -19.86 -19.71
N VAL A 414 21.54 -19.07 -20.35
CA VAL A 414 20.35 -19.58 -21.00
C VAL A 414 20.72 -20.46 -22.20
N ALA A 415 21.53 -19.92 -23.09
CA ALA A 415 21.94 -20.65 -24.27
C ALA A 415 22.57 -21.98 -23.86
N ALA A 416 23.28 -21.99 -22.75
CA ALA A 416 23.93 -23.21 -22.30
C ALA A 416 22.93 -24.22 -21.76
N ALA A 417 21.81 -23.71 -21.26
CA ALA A 417 20.78 -24.55 -20.69
C ALA A 417 19.82 -25.05 -21.75
N PHE A 418 19.50 -24.18 -22.72
CA PHE A 418 18.58 -24.51 -23.79
C PHE A 418 19.24 -24.27 -25.14
N PRO A 419 20.19 -25.15 -25.51
CA PRO A 419 20.93 -25.07 -26.77
C PRO A 419 20.02 -24.97 -27.99
N GLY A 420 20.30 -23.97 -28.82
CA GLY A 420 19.53 -23.78 -30.03
C GLY A 420 18.22 -23.05 -29.89
N ASP A 421 17.69 -22.93 -28.67
CA ASP A 421 16.42 -22.24 -28.45
C ASP A 421 16.62 -20.74 -28.60
N VAL A 422 16.65 -20.31 -29.85
CA VAL A 422 16.88 -18.92 -30.19
C VAL A 422 15.75 -17.95 -29.83
N ASP A 423 14.51 -18.42 -29.76
CA ASP A 423 13.42 -17.51 -29.42
C ASP A 423 13.37 -17.23 -27.93
N ARG A 424 13.80 -18.23 -27.16
CA ARG A 424 13.81 -18.12 -25.71
C ARG A 424 14.82 -17.06 -25.33
N LEU A 425 15.91 -17.00 -26.10
CA LEU A 425 16.97 -16.03 -25.86
C LEU A 425 16.45 -14.61 -25.94
N ARG A 426 15.71 -14.28 -26.99
CA ARG A 426 15.18 -12.92 -27.14
C ARG A 426 14.08 -12.60 -26.14
N ARG A 427 13.28 -13.61 -25.80
CA ARG A 427 12.17 -13.48 -24.85
C ARG A 427 12.66 -13.16 -23.43
N MET A 428 13.79 -13.74 -23.06
CA MET A 428 14.35 -13.57 -21.74
C MET A 428 15.28 -12.38 -21.60
N SER A 429 15.71 -11.82 -22.71
CA SER A 429 16.63 -10.68 -22.68
C SER A 429 16.17 -9.53 -21.77
N LEU A 430 17.11 -8.92 -21.07
CA LEU A 430 16.77 -7.78 -20.21
C LEU A 430 16.58 -6.60 -21.15
N VAL A 431 17.12 -6.74 -22.37
CA VAL A 431 17.02 -5.69 -23.39
C VAL A 431 15.97 -6.03 -24.45
N GLU A 432 14.98 -5.15 -24.59
CA GLU A 432 13.92 -5.34 -25.57
C GLU A 432 14.14 -4.49 -26.82
N GLU A 433 14.22 -5.17 -27.96
CA GLU A 433 14.44 -4.50 -29.25
C GLU A 433 13.11 -4.09 -29.85
N GLY A 434 13.14 -3.09 -30.73
CA GLY A 434 11.92 -2.65 -31.36
C GLY A 434 11.95 -1.16 -31.63
N ALA A 435 10.76 -0.54 -31.68
CA ALA A 435 10.65 0.90 -31.92
C ALA A 435 11.87 1.52 -31.26
N VAL A 436 11.87 1.49 -29.94
CA VAL A 436 12.98 2.02 -29.18
C VAL A 436 13.43 0.87 -28.29
N LYS A 437 14.73 0.79 -28.04
CA LYS A 437 15.24 -0.26 -27.18
C LYS A 437 14.87 0.12 -25.75
N ARG A 438 14.47 -0.86 -24.97
CA ARG A 438 14.09 -0.66 -23.59
C ARG A 438 14.77 -1.70 -22.73
N ILE A 439 14.76 -1.46 -21.43
CA ILE A 439 15.34 -2.40 -20.48
C ILE A 439 14.15 -2.90 -19.67
N ASN A 440 14.01 -4.22 -19.56
CA ASN A 440 12.91 -4.83 -18.81
C ASN A 440 13.38 -4.95 -17.36
N MET A 441 12.96 -4.03 -16.51
CA MET A 441 13.41 -4.01 -15.12
C MET A 441 13.08 -5.28 -14.34
N ALA A 442 11.98 -5.94 -14.71
CA ALA A 442 11.57 -7.18 -14.04
C ALA A 442 12.54 -8.32 -14.37
N HIS A 443 12.99 -8.38 -15.62
CA HIS A 443 13.93 -9.42 -16.00
C HIS A 443 15.22 -9.19 -15.23
N LEU A 444 15.52 -7.93 -14.98
CA LEU A 444 16.73 -7.52 -14.23
C LEU A 444 16.66 -8.02 -12.78
N CYS A 445 15.51 -7.80 -12.16
CA CYS A 445 15.29 -8.20 -10.79
C CYS A 445 15.32 -9.72 -10.61
N ILE A 446 14.79 -10.46 -11.59
CA ILE A 446 14.77 -11.93 -11.49
C ILE A 446 16.18 -12.46 -11.56
N ALA A 447 16.96 -11.90 -12.48
CA ALA A 447 18.35 -12.31 -12.68
C ALA A 447 19.29 -11.96 -11.52
N GLY A 448 19.05 -10.82 -10.88
CA GLY A 448 19.94 -10.40 -9.79
C GLY A 448 19.47 -10.62 -8.38
N SER A 449 18.43 -11.45 -8.21
CA SER A 449 17.86 -11.77 -6.92
C SER A 449 17.83 -13.28 -6.70
N HIS A 450 17.91 -13.72 -5.44
CA HIS A 450 17.88 -15.15 -5.15
C HIS A 450 16.47 -15.63 -4.87
N ALA A 451 15.51 -14.71 -4.87
CA ALA A 451 14.11 -15.05 -4.59
C ALA A 451 13.18 -14.07 -5.28
N VAL A 452 12.13 -14.60 -5.87
CA VAL A 452 11.13 -13.80 -6.58
C VAL A 452 9.82 -14.33 -6.04
N ASN A 453 8.96 -13.45 -5.53
CA ASN A 453 7.70 -13.95 -5.00
C ASN A 453 6.47 -13.22 -5.48
N GLY A 454 5.36 -13.92 -5.44
CA GLY A 454 4.08 -13.35 -5.83
C GLY A 454 3.42 -12.98 -4.52
N VAL A 455 2.30 -12.27 -4.58
CA VAL A 455 1.65 -11.82 -3.36
C VAL A 455 0.36 -12.57 -2.98
N ALA A 456 0.12 -13.68 -3.65
CA ALA A 456 -1.04 -14.53 -3.40
C ALA A 456 -0.78 -15.83 -4.15
N ARG A 457 -1.28 -16.94 -3.63
CA ARG A 457 -1.05 -18.23 -4.27
C ARG A 457 -1.35 -18.30 -5.76
N ILE A 458 -2.53 -17.85 -6.18
CA ILE A 458 -2.84 -17.92 -7.61
C ILE A 458 -1.94 -16.99 -8.45
N HIS A 459 -1.66 -15.80 -7.93
CA HIS A 459 -0.79 -14.84 -8.63
C HIS A 459 0.61 -15.43 -8.77
N SER A 460 1.08 -16.09 -7.73
CA SER A 460 2.41 -16.70 -7.76
C SER A 460 2.45 -17.84 -8.79
N GLU A 461 1.35 -18.57 -8.94
CA GLU A 461 1.31 -19.66 -9.91
C GLU A 461 1.29 -19.07 -11.31
N ILE A 462 0.50 -18.02 -11.49
CA ILE A 462 0.39 -17.35 -12.78
C ILE A 462 1.76 -16.86 -13.27
N LEU A 463 2.61 -16.42 -12.34
CA LEU A 463 3.94 -15.93 -12.67
C LEU A 463 4.78 -17.04 -13.25
N LYS A 464 4.63 -18.24 -12.68
CA LYS A 464 5.38 -19.42 -13.11
C LYS A 464 4.85 -20.01 -14.41
N LYS A 465 3.52 -19.96 -14.56
CA LYS A 465 2.85 -20.53 -15.74
C LYS A 465 2.87 -19.60 -16.94
N THR A 466 2.80 -18.30 -16.69
CA THR A 466 2.74 -17.34 -17.77
C THR A 466 3.92 -16.38 -17.87
N ILE A 467 3.71 -15.16 -17.36
CA ILE A 467 4.71 -14.11 -17.42
C ILE A 467 6.18 -14.48 -17.24
N PHE A 468 6.54 -15.24 -16.21
CA PHE A 468 7.94 -15.59 -16.01
C PHE A 468 8.23 -17.07 -16.21
N LYS A 469 7.47 -17.68 -17.10
CA LYS A 469 7.63 -19.11 -17.39
C LYS A 469 9.06 -19.50 -17.74
N ASP A 470 9.66 -18.82 -18.72
CA ASP A 470 11.03 -19.12 -19.12
C ASP A 470 12.02 -19.04 -17.97
N PHE A 471 11.84 -18.03 -17.12
CA PHE A 471 12.71 -17.81 -15.97
C PHE A 471 12.53 -18.89 -14.94
N TYR A 472 11.29 -19.35 -14.78
CA TYR A 472 11.00 -20.41 -13.82
C TYR A 472 11.65 -21.73 -14.27
N GLU A 473 11.66 -22.00 -15.57
CA GLU A 473 12.26 -23.23 -16.11
C GLU A 473 13.76 -23.24 -15.90
N LEU A 474 14.35 -22.05 -15.98
CA LEU A 474 15.79 -21.83 -15.80
C LEU A 474 16.24 -21.99 -14.34
N GLU A 475 15.52 -21.36 -13.42
CA GLU A 475 15.86 -21.46 -11.99
C GLU A 475 14.60 -21.53 -11.15
N PRO A 476 14.01 -22.73 -11.06
CA PRO A 476 12.78 -22.98 -10.29
C PRO A 476 12.87 -22.66 -8.81
N HIS A 477 14.07 -22.75 -8.27
CA HIS A 477 14.29 -22.50 -6.85
C HIS A 477 14.06 -21.04 -6.45
N LYS A 478 14.14 -20.13 -7.40
CA LYS A 478 13.95 -18.71 -7.12
C LYS A 478 12.52 -18.28 -6.84
N PHE A 479 11.56 -18.92 -7.50
CA PHE A 479 10.18 -18.53 -7.34
C PHE A 479 9.43 -19.06 -6.11
N GLN A 480 8.92 -18.13 -5.31
CA GLN A 480 8.16 -18.44 -4.10
C GLN A 480 6.88 -17.63 -4.09
N ASN A 481 6.09 -17.80 -3.04
CA ASN A 481 4.85 -17.06 -2.85
C ASN A 481 4.86 -16.57 -1.42
N LYS A 482 4.23 -15.44 -1.17
CA LYS A 482 4.13 -14.89 0.18
C LYS A 482 2.84 -14.12 0.18
N THR A 483 1.75 -14.80 0.53
CA THR A 483 0.44 -14.16 0.54
C THR A 483 0.47 -12.95 1.46
N ASN A 484 -0.07 -11.86 0.93
CA ASN A 484 -0.13 -10.60 1.64
C ASN A 484 -0.91 -10.73 2.93
N GLY A 485 -0.86 -9.67 3.71
CA GLY A 485 -1.57 -9.62 4.99
C GLY A 485 -1.72 -8.15 5.38
N ILE A 486 -2.40 -7.91 6.48
CA ILE A 486 -2.63 -6.56 6.97
C ILE A 486 -2.29 -6.61 8.46
N THR A 487 -2.00 -5.46 9.06
CA THR A 487 -1.66 -5.45 10.49
C THR A 487 -2.92 -5.37 11.32
N PRO A 488 -3.11 -6.33 12.23
CA PRO A 488 -4.30 -6.33 13.08
C PRO A 488 -4.37 -5.17 14.07
N ARG A 489 -3.25 -4.46 14.24
CA ARG A 489 -3.22 -3.34 15.17
C ARG A 489 -4.01 -2.16 14.59
N ARG A 490 -3.56 -1.63 13.46
CA ARG A 490 -4.28 -0.52 12.84
C ARG A 490 -5.63 -0.98 12.28
N TRP A 491 -5.64 -2.13 11.61
CA TRP A 491 -6.86 -2.62 10.99
C TRP A 491 -7.90 -3.37 11.83
N LEU A 492 -7.71 -3.38 13.15
CA LEU A 492 -8.67 -4.01 14.04
C LEU A 492 -8.74 -3.22 15.33
N VAL A 493 -7.71 -3.34 16.16
CA VAL A 493 -7.64 -2.64 17.45
C VAL A 493 -7.77 -1.12 17.36
N LEU A 494 -7.22 -0.52 16.31
CA LEU A 494 -7.28 0.93 16.15
C LEU A 494 -8.59 1.45 15.57
N CYS A 495 -8.99 0.91 14.43
CA CYS A 495 -10.22 1.35 13.75
C CYS A 495 -11.52 0.76 14.28
N ASN A 496 -11.40 -0.34 15.03
CA ASN A 496 -12.57 -1.03 15.55
C ASN A 496 -12.39 -1.55 16.96
N PRO A 497 -12.22 -0.64 17.92
CA PRO A 497 -12.04 -1.06 19.31
C PRO A 497 -13.24 -1.85 19.85
N GLY A 498 -14.44 -1.48 19.39
CA GLY A 498 -15.65 -2.15 19.83
C GLY A 498 -15.59 -3.62 19.54
N LEU A 499 -15.13 -3.98 18.35
CA LEU A 499 -15.07 -5.38 17.98
C LEU A 499 -13.93 -6.04 18.71
N ALA A 500 -12.81 -5.34 18.87
CA ALA A 500 -11.66 -5.93 19.55
C ALA A 500 -11.98 -6.22 21.01
N GLU A 501 -12.79 -5.37 21.63
CA GLU A 501 -13.15 -5.55 23.04
C GLU A 501 -13.97 -6.81 23.26
N ILE A 502 -15.05 -6.98 22.49
CA ILE A 502 -15.90 -8.16 22.68
C ILE A 502 -15.16 -9.46 22.37
N ILE A 503 -14.21 -9.41 21.44
CA ILE A 503 -13.43 -10.59 21.13
C ILE A 503 -12.57 -10.90 22.35
N ALA A 504 -11.94 -9.85 22.89
CA ALA A 504 -11.08 -9.99 24.06
C ALA A 504 -11.86 -10.47 25.29
N GLU A 505 -13.11 -10.04 25.41
CA GLU A 505 -13.94 -10.45 26.54
C GLU A 505 -14.05 -11.96 26.58
N ARG A 506 -13.98 -12.59 25.41
CA ARG A 506 -14.09 -14.04 25.34
C ARG A 506 -12.78 -14.80 25.24
N ILE A 507 -11.88 -14.37 24.35
CA ILE A 507 -10.63 -15.11 24.20
C ILE A 507 -9.34 -14.43 24.64
N GLY A 508 -9.43 -13.28 25.30
CA GLY A 508 -8.21 -12.60 25.72
C GLY A 508 -7.63 -11.63 24.71
N GLU A 509 -6.45 -11.10 25.04
CA GLU A 509 -5.76 -10.13 24.20
C GLU A 509 -4.60 -10.66 23.37
N GLU A 510 -4.13 -11.85 23.69
CA GLU A 510 -3.01 -12.41 22.97
C GLU A 510 -3.16 -12.51 21.45
N TYR A 511 -4.40 -12.46 20.96
CA TYR A 511 -4.65 -12.57 19.52
C TYR A 511 -4.18 -11.36 18.72
N ILE A 512 -3.95 -10.22 19.38
CA ILE A 512 -3.51 -9.02 18.68
C ILE A 512 -2.15 -9.23 17.99
N SER A 513 -1.32 -10.11 18.54
CA SER A 513 -0.02 -10.40 17.94
C SER A 513 0.05 -11.87 17.52
N ASP A 514 -1.11 -12.53 17.56
CA ASP A 514 -1.26 -13.93 17.18
C ASP A 514 -2.68 -14.12 16.68
N LEU A 515 -2.98 -13.48 15.54
CA LEU A 515 -4.32 -13.53 14.94
C LEU A 515 -4.91 -14.93 14.76
N ASP A 516 -4.06 -15.94 14.66
CA ASP A 516 -4.55 -17.30 14.46
C ASP A 516 -5.54 -17.70 15.55
N GLN A 517 -5.37 -17.13 16.74
CA GLN A 517 -6.22 -17.42 17.88
C GLN A 517 -7.67 -17.00 17.68
N LEU A 518 -7.96 -16.28 16.59
CA LEU A 518 -9.33 -15.86 16.33
C LEU A 518 -10.22 -17.07 16.04
N ARG A 519 -9.59 -18.18 15.67
CA ARG A 519 -10.29 -19.44 15.38
C ARG A 519 -11.12 -19.91 16.57
N LYS A 520 -10.63 -19.61 17.77
CA LYS A 520 -11.31 -19.99 18.99
C LYS A 520 -12.70 -19.37 19.03
N LEU A 521 -12.91 -18.36 18.19
CA LEU A 521 -14.19 -17.66 18.12
C LEU A 521 -15.25 -18.53 17.47
N LEU A 522 -14.80 -19.60 16.81
CA LEU A 522 -15.69 -20.53 16.13
C LEU A 522 -16.64 -21.20 17.12
N SER A 523 -16.17 -21.43 18.34
CA SER A 523 -16.99 -22.07 19.36
C SER A 523 -18.05 -21.14 19.96
N TYR A 524 -18.15 -19.91 19.45
CA TYR A 524 -19.14 -18.97 19.97
C TYR A 524 -20.12 -18.65 18.86
N VAL A 525 -19.99 -19.38 17.76
CA VAL A 525 -20.84 -19.16 16.59
C VAL A 525 -22.32 -19.41 16.85
N ASP A 526 -22.63 -20.10 17.94
CA ASP A 526 -24.01 -20.40 18.31
C ASP A 526 -24.34 -19.71 19.64
N ASP A 527 -23.37 -18.97 20.17
CA ASP A 527 -23.53 -18.24 21.41
C ASP A 527 -24.46 -17.05 21.17
N GLU A 528 -25.58 -17.04 21.88
CA GLU A 528 -26.58 -15.98 21.71
C GLU A 528 -26.08 -14.59 22.08
N ALA A 529 -25.31 -14.51 23.16
CA ALA A 529 -24.78 -13.23 23.62
C ALA A 529 -23.79 -12.65 22.62
N PHE A 530 -22.88 -13.50 22.12
CA PHE A 530 -21.88 -13.05 21.16
C PHE A 530 -22.52 -12.55 19.86
N ILE A 531 -23.44 -13.33 19.31
CA ILE A 531 -24.13 -12.95 18.07
C ILE A 531 -24.78 -11.56 18.24
N ARG A 532 -25.38 -11.34 19.42
CA ARG A 532 -26.03 -10.08 19.75
C ARG A 532 -24.98 -8.97 19.78
N ASP A 533 -23.83 -9.29 20.37
CA ASP A 533 -22.73 -8.33 20.49
C ASP A 533 -22.06 -8.00 19.17
N VAL A 534 -21.71 -9.03 18.39
CA VAL A 534 -21.07 -8.82 17.09
C VAL A 534 -21.99 -7.90 16.27
N ALA A 535 -23.28 -8.21 16.29
CA ALA A 535 -24.26 -7.44 15.54
C ALA A 535 -24.41 -6.02 16.08
N LYS A 536 -24.23 -5.87 17.39
CA LYS A 536 -24.35 -4.56 18.03
C LYS A 536 -23.21 -3.60 17.67
N VAL A 537 -21.98 -4.09 17.65
CA VAL A 537 -20.86 -3.21 17.32
C VAL A 537 -20.94 -2.76 15.87
N LYS A 538 -21.43 -3.64 14.99
CA LYS A 538 -21.56 -3.31 13.58
C LYS A 538 -22.64 -2.26 13.41
N GLN A 539 -23.66 -2.30 14.26
CA GLN A 539 -24.73 -1.32 14.21
C GLN A 539 -24.22 0.00 14.74
N GLU A 540 -23.40 -0.07 15.77
CA GLU A 540 -22.81 1.12 16.37
C GLU A 540 -21.83 1.79 15.40
N ASN A 541 -21.10 0.96 14.66
CA ASN A 541 -20.14 1.45 13.68
C ASN A 541 -20.87 2.14 12.53
N LYS A 542 -21.94 1.52 12.03
CA LYS A 542 -22.71 2.09 10.92
C LYS A 542 -23.34 3.45 11.30
N LEU A 543 -23.79 3.56 12.54
CA LEU A 543 -24.41 4.79 13.05
C LEU A 543 -23.40 5.93 13.13
N LYS A 544 -22.18 5.59 13.54
CA LYS A 544 -21.11 6.56 13.66
C LYS A 544 -20.65 7.03 12.28
N PHE A 545 -20.65 6.12 11.31
CA PHE A 545 -20.24 6.50 9.99
C PHE A 545 -21.31 7.34 9.33
N ALA A 546 -22.56 6.93 9.51
CA ALA A 546 -23.69 7.66 8.93
C ALA A 546 -23.71 9.09 9.45
N ALA A 547 -23.22 9.27 10.67
CA ALA A 547 -23.17 10.59 11.30
C ALA A 547 -22.02 11.40 10.70
N TYR A 548 -20.84 10.78 10.65
CA TYR A 548 -19.66 11.44 10.09
C TYR A 548 -20.01 11.96 8.71
N LEU A 549 -20.78 11.17 7.96
CA LEU A 549 -21.18 11.56 6.62
C LEU A 549 -21.89 12.91 6.59
N GLU A 550 -22.87 13.11 7.46
CA GLU A 550 -23.60 14.38 7.50
C GLU A 550 -22.75 15.48 8.12
N ARG A 551 -21.91 15.12 9.08
CA ARG A 551 -21.03 16.07 9.73
C ARG A 551 -20.13 16.76 8.70
N GLU A 552 -19.21 15.99 8.14
CA GLU A 552 -18.23 16.47 7.17
C GLU A 552 -18.57 16.55 5.67
N TYR A 553 -19.59 15.85 5.20
CA TYR A 553 -19.93 15.92 3.78
C TYR A 553 -21.38 16.33 3.48
N LYS A 554 -22.28 16.16 4.43
CA LYS A 554 -23.69 16.63 4.35
C LYS A 554 -24.77 16.25 3.32
N VAL A 555 -25.65 15.30 3.68
CA VAL A 555 -26.84 14.87 2.90
C VAL A 555 -27.45 13.47 3.11
N HIS A 556 -27.62 13.11 4.38
CA HIS A 556 -28.25 11.87 4.85
C HIS A 556 -28.19 10.52 4.11
N ILE A 557 -28.20 9.47 4.93
CA ILE A 557 -28.21 8.05 4.52
C ILE A 557 -28.95 7.28 5.62
N ASN A 558 -29.44 6.09 5.29
CA ASN A 558 -30.19 5.27 6.23
C ASN A 558 -29.34 4.14 6.84
N PRO A 559 -29.07 4.18 8.17
CA PRO A 559 -28.24 3.17 8.85
C PRO A 559 -28.84 1.78 9.01
N ASN A 560 -30.08 1.59 8.56
CA ASN A 560 -30.71 0.28 8.69
C ASN A 560 -30.51 -0.54 7.42
N SER A 561 -30.14 0.15 6.34
CA SER A 561 -29.92 -0.49 5.06
C SER A 561 -28.61 -1.28 5.04
N LEU A 562 -28.40 -2.06 3.98
CA LEU A 562 -27.19 -2.85 3.85
C LEU A 562 -26.10 -1.90 3.35
N PHE A 563 -24.94 -1.89 4.00
CA PHE A 563 -23.86 -1.02 3.55
C PHE A 563 -22.96 -1.76 2.56
N ASP A 564 -23.23 -1.52 1.27
CA ASP A 564 -22.52 -2.12 0.13
C ASP A 564 -21.36 -1.21 -0.27
N VAL A 565 -20.13 -1.55 0.14
CA VAL A 565 -19.03 -0.68 -0.20
C VAL A 565 -17.88 -1.26 -1.00
N GLN A 566 -17.45 -0.50 -2.01
CA GLN A 566 -16.33 -0.85 -2.88
C GLN A 566 -15.35 0.32 -2.84
N VAL A 567 -14.29 0.16 -2.06
CA VAL A 567 -13.31 1.22 -1.97
C VAL A 567 -11.93 0.74 -2.37
N LYS A 568 -11.36 1.37 -3.39
CA LYS A 568 -10.03 1.06 -3.91
C LYS A 568 -9.73 2.03 -5.06
N ARG A 569 -8.53 2.00 -5.61
CA ARG A 569 -8.23 2.91 -6.71
C ARG A 569 -9.18 2.63 -7.87
N ILE A 570 -9.54 3.67 -8.64
CA ILE A 570 -10.45 3.48 -9.79
C ILE A 570 -9.68 2.88 -10.97
N HIS A 571 -10.10 1.69 -11.40
CA HIS A 571 -9.44 1.00 -12.50
C HIS A 571 -10.44 0.27 -13.40
N GLU A 572 -10.04 -0.03 -14.62
CA GLU A 572 -10.91 -0.77 -15.52
C GLU A 572 -10.90 -2.24 -15.11
N TYR A 573 -9.78 -2.68 -14.53
CA TYR A 573 -9.68 -4.07 -14.09
C TYR A 573 -10.38 -4.33 -12.75
N LYS A 574 -10.63 -3.29 -11.94
CA LYS A 574 -11.30 -3.47 -10.64
C LYS A 574 -12.82 -3.52 -10.88
N ARG A 575 -13.22 -3.09 -12.07
CA ARG A 575 -14.60 -3.09 -12.51
C ARG A 575 -15.64 -2.36 -11.69
N GLN A 576 -15.36 -1.11 -11.32
CA GLN A 576 -16.35 -0.36 -10.58
C GLN A 576 -17.56 -0.29 -11.51
N LEU A 577 -17.29 -0.40 -12.81
CA LEU A 577 -18.33 -0.35 -13.84
C LEU A 577 -19.31 -1.50 -13.70
N LEU A 578 -18.81 -2.66 -13.29
CA LEU A 578 -19.70 -3.80 -13.13
C LEU A 578 -20.61 -3.49 -11.96
N ASN A 579 -20.07 -2.82 -10.94
CA ASN A 579 -20.86 -2.44 -9.76
C ASN A 579 -21.93 -1.48 -10.20
N CYS A 580 -21.54 -0.53 -11.04
CA CYS A 580 -22.47 0.46 -11.56
C CYS A 580 -23.64 -0.23 -12.25
N LEU A 581 -23.34 -1.21 -13.11
CA LEU A 581 -24.39 -1.94 -13.83
C LEU A 581 -25.40 -2.57 -12.86
N HIS A 582 -24.93 -3.08 -11.74
CA HIS A 582 -25.82 -3.68 -10.76
C HIS A 582 -26.67 -2.62 -10.10
N VAL A 583 -26.07 -1.49 -9.75
CA VAL A 583 -26.81 -0.42 -9.11
C VAL A 583 -27.96 0.06 -10.00
N ILE A 584 -27.68 0.23 -11.29
CA ILE A 584 -28.70 0.69 -12.23
C ILE A 584 -29.78 -0.37 -12.39
N THR A 585 -29.40 -1.64 -12.31
CA THR A 585 -30.35 -2.74 -12.43
C THR A 585 -31.35 -2.69 -11.26
N LEU A 586 -30.84 -2.50 -10.04
CA LEU A 586 -31.67 -2.41 -8.84
C LEU A 586 -32.67 -1.25 -9.02
N TYR A 587 -32.17 -0.13 -9.54
CA TYR A 587 -32.99 1.04 -9.79
C TYR A 587 -34.13 0.72 -10.74
N ASN A 588 -33.78 0.15 -11.90
CA ASN A 588 -34.78 -0.20 -12.91
C ASN A 588 -35.82 -1.22 -12.42
N ARG A 589 -35.41 -2.12 -11.54
CA ARG A 589 -36.35 -3.11 -11.03
C ARG A 589 -37.34 -2.46 -10.08
N ILE A 590 -36.88 -1.48 -9.33
CA ILE A 590 -37.74 -0.77 -8.38
C ILE A 590 -38.75 0.08 -9.13
N LYS A 591 -38.31 0.72 -10.21
CA LYS A 591 -39.19 1.57 -11.00
C LYS A 591 -40.25 0.75 -11.73
N LYS A 592 -39.95 -0.52 -11.95
CA LYS A 592 -40.84 -1.44 -12.63
C LYS A 592 -41.96 -1.90 -11.69
N GLU A 593 -41.60 -2.31 -10.48
CA GLU A 593 -42.55 -2.75 -9.46
C GLU A 593 -42.21 -1.98 -8.19
N PRO A 594 -42.62 -0.70 -8.11
CA PRO A 594 -42.38 0.20 -6.98
C PRO A 594 -42.83 -0.31 -5.63
N ASN A 595 -44.03 -0.87 -5.59
CA ASN A 595 -44.59 -1.33 -4.33
C ASN A 595 -44.21 -2.73 -3.92
N LYS A 596 -43.11 -3.23 -4.48
CA LYS A 596 -42.59 -4.56 -4.14
C LYS A 596 -41.44 -4.38 -3.16
N PHE A 597 -41.36 -5.24 -2.15
CA PHE A 597 -40.29 -5.10 -1.16
C PHE A 597 -38.92 -5.59 -1.59
N VAL A 598 -37.92 -4.78 -1.28
CA VAL A 598 -36.54 -5.08 -1.58
C VAL A 598 -35.71 -4.62 -0.40
N VAL A 599 -34.63 -5.35 -0.13
CA VAL A 599 -33.74 -5.00 0.97
C VAL A 599 -33.07 -3.66 0.67
N PRO A 600 -33.21 -2.67 1.57
CA PRO A 600 -32.60 -1.34 1.36
C PRO A 600 -31.08 -1.43 1.31
N ARG A 601 -30.46 -0.58 0.48
CA ARG A 601 -29.01 -0.60 0.37
C ARG A 601 -28.44 0.77 0.17
N THR A 602 -27.28 0.97 0.76
CA THR A 602 -26.53 2.21 0.63
C THR A 602 -25.28 1.68 -0.06
N VAL A 603 -25.12 1.97 -1.34
CA VAL A 603 -23.93 1.49 -2.01
C VAL A 603 -22.95 2.64 -2.09
N MET A 604 -21.79 2.43 -1.46
CA MET A 604 -20.75 3.43 -1.41
C MET A 604 -19.55 3.02 -2.23
N ILE A 605 -19.19 3.86 -3.19
CA ILE A 605 -18.04 3.61 -4.04
C ILE A 605 -17.03 4.77 -3.88
N GLY A 606 -15.80 4.43 -3.51
CA GLY A 606 -14.78 5.45 -3.32
C GLY A 606 -13.44 5.02 -3.87
N GLY A 607 -12.62 6.00 -4.26
CA GLY A 607 -11.32 5.70 -4.81
C GLY A 607 -10.84 6.86 -5.65
N LYS A 608 -9.53 6.90 -5.89
CA LYS A 608 -8.90 7.96 -6.66
C LYS A 608 -8.52 7.49 -8.05
N ALA A 609 -8.65 8.40 -9.00
CA ALA A 609 -8.27 8.11 -10.37
C ALA A 609 -6.99 8.88 -10.65
N ALA A 610 -6.06 8.23 -11.34
CA ALA A 610 -4.81 8.89 -11.71
C ALA A 610 -5.22 10.07 -12.58
N PRO A 611 -4.59 11.24 -12.39
CA PRO A 611 -4.92 12.44 -13.17
C PRO A 611 -5.00 12.31 -14.69
N GLY A 612 -4.16 11.45 -15.28
CA GLY A 612 -4.16 11.28 -16.72
C GLY A 612 -5.02 10.14 -17.26
N TYR A 613 -5.60 9.36 -16.35
CA TYR A 613 -6.45 8.22 -16.70
C TYR A 613 -7.85 8.74 -17.05
N HIS A 614 -8.07 8.98 -18.33
CA HIS A 614 -9.36 9.49 -18.77
C HIS A 614 -10.55 8.59 -18.45
N MET A 615 -10.44 7.31 -18.77
CA MET A 615 -11.53 6.36 -18.52
C MET A 615 -11.88 6.33 -17.04
N ALA A 616 -10.87 6.26 -16.17
CA ALA A 616 -11.12 6.23 -14.73
C ALA A 616 -11.90 7.45 -14.26
N LYS A 617 -11.57 8.61 -14.82
CA LYS A 617 -12.24 9.85 -14.43
C LYS A 617 -13.65 9.88 -14.99
N MET A 618 -13.87 9.16 -16.07
CA MET A 618 -15.18 9.09 -16.69
C MET A 618 -16.08 8.22 -15.83
N ILE A 619 -15.49 7.21 -15.19
CA ILE A 619 -16.23 6.29 -14.34
C ILE A 619 -16.72 6.99 -13.07
N ILE A 620 -15.88 7.86 -12.50
CA ILE A 620 -16.24 8.59 -11.29
C ILE A 620 -17.45 9.50 -11.60
N LYS A 621 -17.47 10.03 -12.82
CA LYS A 621 -18.56 10.91 -13.24
C LYS A 621 -19.84 10.11 -13.42
N LEU A 622 -19.72 8.86 -13.84
CA LEU A 622 -20.87 7.98 -14.04
C LEU A 622 -21.47 7.65 -12.69
N ILE A 623 -20.61 7.32 -11.74
CA ILE A 623 -21.07 6.98 -10.41
C ILE A 623 -21.89 8.14 -9.85
N THR A 624 -21.32 9.33 -9.83
CA THR A 624 -22.03 10.49 -9.32
C THR A 624 -23.30 10.74 -10.14
N ALA A 625 -23.23 10.51 -11.46
CA ALA A 625 -24.38 10.71 -12.34
C ALA A 625 -25.54 9.81 -11.93
N ILE A 626 -25.22 8.57 -11.57
CA ILE A 626 -26.24 7.60 -11.15
C ILE A 626 -26.87 8.08 -9.85
N GLY A 627 -26.04 8.57 -8.93
CA GLY A 627 -26.56 9.06 -7.66
C GLY A 627 -27.48 10.26 -7.81
N ASP A 628 -27.23 11.10 -8.81
CA ASP A 628 -28.05 12.28 -9.07
C ASP A 628 -29.48 11.85 -9.40
N VAL A 629 -29.59 10.79 -10.20
CA VAL A 629 -30.88 10.25 -10.60
C VAL A 629 -31.52 9.42 -9.48
N VAL A 630 -30.79 8.43 -9.01
CA VAL A 630 -31.28 7.53 -7.97
C VAL A 630 -31.66 8.20 -6.64
N ASN A 631 -30.76 9.01 -6.10
CA ASN A 631 -30.99 9.68 -4.82
C ASN A 631 -32.10 10.73 -4.79
N HIS A 632 -32.65 11.08 -5.94
CA HIS A 632 -33.70 12.07 -5.99
C HIS A 632 -35.01 11.58 -6.58
N ASP A 633 -35.10 10.26 -6.72
CA ASP A 633 -36.30 9.63 -7.25
C ASP A 633 -37.19 9.38 -6.03
N PRO A 634 -38.35 10.06 -5.98
CA PRO A 634 -39.28 9.91 -4.86
C PRO A 634 -39.81 8.48 -4.73
N VAL A 635 -40.00 7.81 -5.87
CA VAL A 635 -40.50 6.44 -5.84
C VAL A 635 -39.50 5.48 -5.17
N VAL A 636 -38.21 5.79 -5.31
CA VAL A 636 -37.19 4.94 -4.72
C VAL A 636 -37.18 5.08 -3.21
N GLY A 637 -37.40 6.30 -2.73
CA GLY A 637 -37.42 6.52 -1.29
C GLY A 637 -36.07 6.27 -0.62
N ASP A 638 -36.09 5.54 0.48
CA ASP A 638 -34.86 5.23 1.21
C ASP A 638 -34.35 3.81 0.97
N ARG A 639 -34.88 3.17 -0.06
CA ARG A 639 -34.49 1.80 -0.36
C ARG A 639 -33.17 1.67 -1.13
N LEU A 640 -32.71 2.78 -1.72
CA LEU A 640 -31.47 2.75 -2.48
C LEU A 640 -30.79 4.11 -2.60
N ARG A 641 -29.57 4.21 -2.10
CA ARG A 641 -28.79 5.45 -2.17
C ARG A 641 -27.43 5.12 -2.79
N VAL A 642 -26.96 6.00 -3.67
CA VAL A 642 -25.66 5.81 -4.30
C VAL A 642 -24.75 6.96 -3.88
N ILE A 643 -23.75 6.64 -3.08
CA ILE A 643 -22.85 7.67 -2.60
C ILE A 643 -21.40 7.43 -3.02
N PHE A 644 -20.75 8.48 -3.49
CA PHE A 644 -19.35 8.39 -3.88
C PHE A 644 -18.49 8.92 -2.74
N LEU A 645 -17.67 8.06 -2.14
CA LEU A 645 -16.82 8.45 -1.04
C LEU A 645 -15.61 9.28 -1.48
N GLU A 646 -15.67 10.56 -1.18
CA GLU A 646 -14.64 11.53 -1.53
C GLU A 646 -13.29 11.33 -0.83
N ASN A 647 -12.21 11.60 -1.57
CA ASN A 647 -10.86 11.51 -1.02
C ASN A 647 -10.53 10.27 -0.21
N TYR A 648 -10.86 9.11 -0.75
CA TYR A 648 -10.56 7.86 -0.07
C TYR A 648 -9.07 7.79 0.23
N ARG A 649 -8.75 7.57 1.48
CA ARG A 649 -7.36 7.49 1.92
C ARG A 649 -7.34 6.62 3.16
N VAL A 650 -6.16 6.39 3.71
CA VAL A 650 -6.03 5.54 4.88
C VAL A 650 -6.97 5.89 6.03
N SER A 651 -6.94 7.14 6.48
CA SER A 651 -7.78 7.56 7.59
C SER A 651 -9.27 7.42 7.30
N LEU A 652 -9.66 7.51 6.03
CA LEU A 652 -11.08 7.34 5.69
C LEU A 652 -11.39 5.84 5.72
N ALA A 653 -10.41 5.04 5.34
CA ALA A 653 -10.57 3.59 5.33
C ALA A 653 -10.83 3.07 6.74
N GLU A 654 -10.19 3.67 7.73
CA GLU A 654 -10.36 3.26 9.12
C GLU A 654 -11.79 3.53 9.57
N LYS A 655 -12.49 4.36 8.82
CA LYS A 655 -13.88 4.72 9.15
C LYS A 655 -14.95 3.88 8.44
N VAL A 656 -14.78 3.65 7.13
CA VAL A 656 -15.75 2.89 6.34
C VAL A 656 -15.72 1.38 6.53
N ILE A 657 -14.53 0.82 6.57
CA ILE A 657 -14.40 -0.63 6.70
C ILE A 657 -15.12 -1.21 7.91
N PRO A 658 -14.96 -0.60 9.09
CA PRO A 658 -15.64 -1.13 10.27
C PRO A 658 -17.16 -1.00 10.16
N ALA A 659 -17.62 -0.17 9.23
CA ALA A 659 -19.05 0.05 9.05
C ALA A 659 -19.64 -0.66 7.83
N ALA A 660 -18.82 -1.45 7.15
CA ALA A 660 -19.30 -2.14 5.96
C ALA A 660 -19.92 -3.50 6.23
N ASP A 661 -21.00 -3.79 5.50
CA ASP A 661 -21.70 -5.07 5.60
C ASP A 661 -21.26 -5.98 4.46
N LEU A 662 -21.17 -5.40 3.27
CA LEU A 662 -20.76 -6.10 2.05
C LEU A 662 -19.48 -5.52 1.43
N SER A 663 -18.48 -6.36 1.22
CA SER A 663 -17.23 -5.91 0.62
C SER A 663 -17.21 -6.35 -0.84
N GLU A 664 -16.96 -5.41 -1.75
CA GLU A 664 -16.92 -5.71 -3.19
C GLU A 664 -15.52 -5.91 -3.74
N GLN A 665 -15.18 -7.15 -4.08
CA GLN A 665 -13.85 -7.51 -4.63
C GLN A 665 -14.13 -8.24 -5.93
N ILE A 666 -14.64 -7.49 -6.90
CA ILE A 666 -15.06 -8.02 -8.18
C ILE A 666 -14.18 -7.81 -9.41
N SER A 667 -12.87 -7.95 -9.28
CA SER A 667 -11.99 -7.75 -10.44
C SER A 667 -12.11 -8.98 -11.33
N THR A 668 -11.75 -8.81 -12.60
CA THR A 668 -11.78 -9.91 -13.55
C THR A 668 -10.74 -10.95 -13.11
N ALA A 669 -11.16 -12.21 -12.99
CA ALA A 669 -10.25 -13.27 -12.57
C ALA A 669 -8.91 -13.25 -13.29
N GLY A 670 -7.83 -13.19 -12.51
CA GLY A 670 -6.49 -13.18 -13.07
C GLY A 670 -5.83 -11.82 -13.16
N THR A 671 -6.54 -10.75 -12.80
CA THR A 671 -5.98 -9.41 -12.87
C THR A 671 -5.54 -8.77 -11.55
N GLU A 672 -6.18 -9.12 -10.44
CA GLU A 672 -5.82 -8.56 -9.13
C GLU A 672 -4.79 -9.49 -8.47
N ALA A 673 -3.55 -9.04 -8.34
CA ALA A 673 -2.48 -9.84 -7.76
C ALA A 673 -2.82 -10.46 -6.42
N SER A 674 -3.41 -9.65 -5.54
CA SER A 674 -3.79 -10.14 -4.23
C SER A 674 -4.90 -9.31 -3.62
N GLY A 675 -4.62 -8.04 -3.39
CA GLY A 675 -5.59 -7.18 -2.77
C GLY A 675 -5.43 -7.29 -1.26
N THR A 676 -5.72 -6.21 -0.54
CA THR A 676 -5.58 -6.25 0.91
C THR A 676 -6.81 -5.64 1.57
N GLY A 677 -7.51 -4.81 0.81
CA GLY A 677 -8.72 -4.20 1.32
C GLY A 677 -9.68 -5.33 1.67
N ASN A 678 -9.69 -6.38 0.84
CA ASN A 678 -10.57 -7.53 1.04
C ASN A 678 -10.36 -8.16 2.42
N MET A 679 -9.10 -8.22 2.83
CA MET A 679 -8.73 -8.77 4.13
C MET A 679 -9.16 -7.79 5.25
N LYS A 680 -9.08 -6.49 5.00
CA LYS A 680 -9.49 -5.55 6.04
C LYS A 680 -10.97 -5.73 6.35
N PHE A 681 -11.79 -5.92 5.31
CA PHE A 681 -13.24 -6.09 5.48
C PHE A 681 -13.59 -7.38 6.22
N MET A 682 -12.90 -8.46 5.85
CA MET A 682 -13.15 -9.76 6.46
C MET A 682 -12.90 -9.74 7.97
N LEU A 683 -11.87 -9.04 8.40
CA LEU A 683 -11.52 -8.99 9.82
C LEU A 683 -12.41 -8.06 10.63
N ASN A 684 -13.15 -7.19 9.94
CA ASN A 684 -14.03 -6.24 10.61
C ASN A 684 -15.55 -6.51 10.51
N GLY A 685 -15.92 -7.74 10.13
CA GLY A 685 -17.34 -8.07 10.09
C GLY A 685 -18.16 -7.81 8.85
N ALA A 686 -17.52 -7.85 7.69
CA ALA A 686 -18.21 -7.65 6.45
C ALA A 686 -18.17 -8.97 5.69
N LEU A 687 -19.21 -9.22 4.90
CA LEU A 687 -19.24 -10.44 4.09
C LEU A 687 -18.71 -10.01 2.73
N THR A 688 -18.06 -10.94 2.04
CA THR A 688 -17.45 -10.65 0.75
C THR A 688 -18.12 -11.21 -0.51
N ILE A 689 -18.41 -10.35 -1.48
CA ILE A 689 -18.96 -10.82 -2.74
C ILE A 689 -17.83 -10.57 -3.74
N GLY A 690 -17.28 -11.64 -4.32
CA GLY A 690 -16.21 -11.45 -5.27
C GLY A 690 -15.95 -12.60 -6.20
N THR A 691 -14.91 -12.44 -7.03
CA THR A 691 -14.50 -13.45 -7.97
C THR A 691 -13.34 -14.25 -7.42
N MET A 692 -13.07 -15.40 -8.02
CA MET A 692 -11.97 -16.23 -7.57
C MET A 692 -10.69 -15.62 -8.11
N ASP A 693 -10.32 -14.48 -7.53
CA ASP A 693 -9.15 -13.72 -7.92
C ASP A 693 -8.30 -13.41 -6.71
N GLY A 694 -7.01 -13.20 -6.93
CA GLY A 694 -6.10 -12.88 -5.86
C GLY A 694 -6.28 -13.65 -4.57
N ALA A 695 -6.20 -12.93 -3.46
CA ALA A 695 -6.33 -13.55 -2.15
C ALA A 695 -7.77 -13.99 -1.85
N ASN A 696 -8.70 -13.64 -2.73
CA ASN A 696 -10.09 -14.03 -2.52
C ASN A 696 -10.21 -15.55 -2.43
N VAL A 697 -9.37 -16.23 -3.21
CA VAL A 697 -9.37 -17.68 -3.23
C VAL A 697 -8.97 -18.26 -1.88
N GLU A 698 -7.93 -17.69 -1.28
CA GLU A 698 -7.43 -18.16 -0.01
C GLU A 698 -8.37 -17.81 1.13
N MET A 699 -9.03 -16.67 1.01
CA MET A 699 -9.98 -16.26 2.03
C MET A 699 -11.15 -17.24 2.02
N ALA A 700 -11.72 -17.48 0.84
CA ALA A 700 -12.85 -18.40 0.70
C ALA A 700 -12.45 -19.80 1.16
N GLU A 701 -11.21 -20.15 0.86
CA GLU A 701 -10.69 -21.45 1.23
C GLU A 701 -10.56 -21.55 2.75
N GLU A 702 -10.27 -20.44 3.41
CA GLU A 702 -10.12 -20.44 4.86
C GLU A 702 -11.44 -20.39 5.60
N ALA A 703 -12.39 -19.61 5.11
CA ALA A 703 -13.69 -19.50 5.78
C ALA A 703 -14.69 -20.55 5.30
N GLY A 704 -14.43 -21.11 4.13
CA GLY A 704 -15.31 -22.08 3.55
C GLY A 704 -16.14 -21.35 2.50
N GLU A 705 -16.21 -21.91 1.30
CA GLU A 705 -16.96 -21.28 0.22
C GLU A 705 -18.45 -21.02 0.52
N GLU A 706 -19.00 -21.73 1.50
CA GLU A 706 -20.40 -21.56 1.90
C GLU A 706 -20.61 -20.24 2.64
N ASN A 707 -19.54 -19.71 3.21
CA ASN A 707 -19.61 -18.45 3.95
C ASN A 707 -19.05 -17.32 3.12
N PHE A 708 -18.95 -17.58 1.83
CA PHE A 708 -18.43 -16.59 0.87
C PHE A 708 -19.36 -16.50 -0.35
N PHE A 709 -19.49 -15.30 -0.90
CA PHE A 709 -20.35 -15.10 -2.06
C PHE A 709 -19.50 -15.00 -3.32
N ILE A 710 -19.10 -16.17 -3.83
CA ILE A 710 -18.27 -16.25 -5.07
C ILE A 710 -19.14 -16.31 -6.33
N PHE A 711 -18.71 -15.62 -7.37
CA PHE A 711 -19.44 -15.63 -8.63
C PHE A 711 -18.49 -15.43 -9.80
N GLY A 712 -19.05 -15.51 -11.00
CA GLY A 712 -18.31 -15.28 -12.22
C GLY A 712 -17.27 -16.28 -12.69
N MET A 713 -16.62 -15.90 -13.79
CA MET A 713 -15.60 -16.72 -14.44
C MET A 713 -14.40 -16.98 -13.55
N ARG A 714 -13.78 -18.14 -13.74
CA ARG A 714 -12.58 -18.46 -13.02
C ARG A 714 -11.53 -18.13 -14.07
N VAL A 715 -10.26 -18.11 -13.69
CA VAL A 715 -9.19 -17.79 -14.63
C VAL A 715 -9.32 -18.60 -15.93
N GLU A 716 -9.57 -19.90 -15.80
CA GLU A 716 -9.71 -20.79 -16.96
C GLU A 716 -10.84 -20.37 -17.89
N ASP A 717 -11.96 -19.94 -17.32
CA ASP A 717 -13.09 -19.51 -18.13
C ASP A 717 -12.70 -18.29 -18.94
N VAL A 718 -11.92 -17.40 -18.35
CA VAL A 718 -11.48 -16.19 -19.02
C VAL A 718 -10.63 -16.54 -20.23
N ASP A 719 -9.69 -17.46 -20.03
CA ASP A 719 -8.81 -17.91 -21.10
C ASP A 719 -9.61 -18.60 -22.21
N ARG A 720 -10.59 -19.40 -21.84
CA ARG A 720 -11.42 -20.09 -22.83
C ARG A 720 -12.05 -19.03 -23.70
N LEU A 721 -12.63 -18.02 -23.05
CA LEU A 721 -13.30 -16.92 -23.75
C LEU A 721 -12.38 -16.15 -24.68
N ASP A 722 -11.11 -16.03 -24.32
CA ASP A 722 -10.15 -15.31 -25.15
C ASP A 722 -9.79 -16.16 -26.37
N GLN A 723 -9.67 -17.48 -26.19
CA GLN A 723 -9.36 -18.36 -27.32
C GLN A 723 -10.48 -18.11 -28.31
N ARG A 724 -11.70 -18.28 -27.82
CA ARG A 724 -12.92 -18.10 -28.58
C ARG A 724 -12.98 -16.69 -29.18
N GLY A 725 -12.78 -15.69 -28.34
CA GLY A 725 -12.85 -14.31 -28.76
C GLY A 725 -14.02 -13.66 -28.04
N TYR A 726 -13.76 -12.60 -27.29
CA TYR A 726 -14.82 -11.94 -26.54
C TYR A 726 -15.66 -11.01 -27.39
N ASN A 727 -16.97 -11.28 -27.43
CA ASN A 727 -17.89 -10.46 -28.19
C ASN A 727 -19.01 -9.99 -27.28
N ALA A 728 -18.93 -8.73 -26.85
CA ALA A 728 -19.92 -8.18 -25.94
C ALA A 728 -21.33 -8.04 -26.50
N GLN A 729 -21.44 -7.95 -27.82
CA GLN A 729 -22.75 -7.81 -28.46
C GLN A 729 -23.66 -8.99 -28.07
N GLU A 730 -23.06 -10.20 -28.03
CA GLU A 730 -23.76 -11.42 -27.65
C GLU A 730 -24.50 -11.24 -26.34
N TYR A 731 -23.82 -10.73 -25.32
CA TYR A 731 -24.44 -10.52 -24.02
C TYR A 731 -25.49 -9.43 -24.09
N TYR A 732 -25.23 -8.42 -24.91
CA TYR A 732 -26.15 -7.32 -25.08
C TYR A 732 -27.43 -7.83 -25.72
N ASP A 733 -27.28 -8.77 -26.65
CA ASP A 733 -28.40 -9.37 -27.36
C ASP A 733 -29.30 -10.30 -26.54
N ARG A 734 -28.70 -11.14 -25.70
CA ARG A 734 -29.48 -12.10 -24.91
C ARG A 734 -29.95 -11.66 -23.54
N ILE A 735 -29.50 -10.50 -23.06
CA ILE A 735 -29.93 -10.02 -21.75
C ILE A 735 -30.63 -8.69 -21.90
N PRO A 736 -31.97 -8.68 -21.80
CA PRO A 736 -32.77 -7.46 -21.93
C PRO A 736 -32.47 -6.41 -20.87
N GLU A 737 -32.26 -6.85 -19.63
CA GLU A 737 -31.97 -5.92 -18.54
C GLU A 737 -30.68 -5.16 -18.84
N LEU A 738 -29.67 -5.89 -19.33
CA LEU A 738 -28.38 -5.30 -19.68
C LEU A 738 -28.57 -4.33 -20.84
N ARG A 739 -29.34 -4.75 -21.85
CA ARG A 739 -29.63 -3.94 -23.03
C ARG A 739 -30.31 -2.63 -22.62
N GLN A 740 -31.28 -2.74 -21.71
CA GLN A 740 -32.00 -1.58 -21.23
C GLN A 740 -31.04 -0.55 -20.60
N ILE A 741 -30.10 -1.04 -19.82
CA ILE A 741 -29.13 -0.18 -19.16
C ILE A 741 -28.23 0.57 -20.15
N ILE A 742 -27.73 -0.16 -21.14
CA ILE A 742 -26.85 0.43 -22.15
C ILE A 742 -27.57 1.48 -22.98
N GLU A 743 -28.84 1.26 -23.25
CA GLU A 743 -29.59 2.22 -24.04
C GLU A 743 -29.95 3.42 -23.18
N GLN A 744 -29.89 3.25 -21.86
CA GLN A 744 -30.18 4.32 -20.93
C GLN A 744 -28.98 5.28 -20.91
N LEU A 745 -27.78 4.70 -20.90
CA LEU A 745 -26.53 5.47 -20.89
C LEU A 745 -26.35 6.19 -22.22
N SER A 746 -26.66 5.47 -23.31
CA SER A 746 -26.54 5.98 -24.66
C SER A 746 -27.49 7.12 -25.00
N SER A 747 -28.65 7.14 -24.38
CA SER A 747 -29.64 8.16 -24.67
C SER A 747 -29.65 9.39 -23.75
N GLY A 748 -28.78 9.40 -22.76
CA GLY A 748 -28.73 10.54 -21.86
C GLY A 748 -29.68 10.50 -20.68
N PHE A 749 -30.14 9.30 -20.31
CA PHE A 749 -31.04 9.18 -19.17
C PHE A 749 -30.32 9.60 -17.90
N PHE A 750 -29.00 9.42 -17.87
CA PHE A 750 -28.19 9.78 -16.70
C PHE A 750 -27.42 11.08 -16.90
N SER A 751 -27.54 11.66 -18.10
CA SER A 751 -26.88 12.91 -18.46
C SER A 751 -27.77 13.70 -19.43
N PRO A 752 -28.85 14.29 -18.90
CA PRO A 752 -29.82 15.06 -19.69
C PRO A 752 -29.23 16.23 -20.50
N LYS A 753 -28.45 17.07 -19.85
CA LYS A 753 -27.86 18.22 -20.53
C LYS A 753 -26.82 17.81 -21.57
N GLN A 754 -26.10 16.72 -21.31
CA GLN A 754 -25.09 16.23 -22.25
C GLN A 754 -25.41 14.77 -22.55
N PRO A 755 -26.36 14.53 -23.46
CA PRO A 755 -26.78 13.17 -23.85
C PRO A 755 -25.72 12.19 -24.31
N ASP A 756 -24.64 12.68 -24.92
CA ASP A 756 -23.58 11.80 -25.41
C ASP A 756 -22.37 11.78 -24.49
N LEU A 757 -22.55 12.27 -23.28
CA LEU A 757 -21.48 12.34 -22.29
C LEU A 757 -20.76 11.02 -22.02
N PHE A 758 -21.52 9.94 -21.97
CA PHE A 758 -20.96 8.62 -21.67
C PHE A 758 -20.76 7.72 -22.88
N LYS A 759 -20.46 8.30 -24.03
CA LYS A 759 -20.26 7.54 -25.26
C LYS A 759 -18.98 6.71 -25.23
N ASP A 760 -17.96 7.22 -24.55
CA ASP A 760 -16.69 6.51 -24.46
C ASP A 760 -16.82 5.23 -23.62
N ILE A 761 -17.67 5.27 -22.60
CA ILE A 761 -17.88 4.11 -21.74
C ILE A 761 -18.67 3.04 -22.52
N VAL A 762 -19.78 3.44 -23.12
CA VAL A 762 -20.60 2.51 -23.91
C VAL A 762 -19.77 1.92 -25.05
N ASN A 763 -19.07 2.80 -25.76
CA ASN A 763 -18.22 2.40 -26.88
C ASN A 763 -17.21 1.35 -26.41
N MET A 764 -16.56 1.64 -25.30
CA MET A 764 -15.57 0.74 -24.73
C MET A 764 -16.19 -0.62 -24.33
N LEU A 765 -17.28 -0.57 -23.56
CA LEU A 765 -17.99 -1.75 -23.07
C LEU A 765 -18.40 -2.71 -24.19
N MET A 766 -18.83 -2.14 -25.31
CA MET A 766 -19.28 -2.92 -26.45
C MET A 766 -18.17 -3.39 -27.38
N HIS A 767 -17.13 -2.57 -27.56
CA HIS A 767 -16.07 -2.92 -28.49
C HIS A 767 -14.64 -3.18 -28.01
N HIS A 768 -14.24 -2.62 -26.87
CA HIS A 768 -12.88 -2.86 -26.38
C HIS A 768 -12.78 -3.14 -24.89
N ASP A 769 -13.66 -4.02 -24.39
CA ASP A 769 -13.63 -4.34 -22.99
C ASP A 769 -12.59 -5.42 -22.76
N ARG A 770 -11.44 -5.02 -22.25
CA ARG A 770 -10.34 -5.95 -21.97
C ARG A 770 -10.66 -6.79 -20.76
N PHE A 771 -11.63 -6.34 -19.97
CA PHE A 771 -11.99 -7.03 -18.74
C PHE A 771 -13.39 -7.62 -18.69
N LYS A 772 -13.93 -7.88 -19.87
CA LYS A 772 -15.24 -8.49 -20.07
C LYS A 772 -16.24 -8.28 -18.94
N VAL A 773 -16.68 -7.02 -18.78
CA VAL A 773 -17.64 -6.66 -17.76
C VAL A 773 -18.94 -7.43 -17.97
N PHE A 774 -19.45 -7.42 -19.20
CA PHE A 774 -20.69 -8.11 -19.56
C PHE A 774 -20.70 -9.60 -19.25
N ALA A 775 -19.58 -10.27 -19.50
CA ALA A 775 -19.48 -11.72 -19.25
C ALA A 775 -19.81 -12.15 -17.82
N ASP A 776 -19.63 -11.25 -16.86
CA ASP A 776 -19.91 -11.61 -15.48
C ASP A 776 -21.19 -10.98 -14.93
N TYR A 777 -21.86 -10.20 -15.77
CA TYR A 777 -23.05 -9.50 -15.35
C TYR A 777 -24.16 -10.39 -14.79
N GLU A 778 -24.60 -11.38 -15.55
CA GLU A 778 -25.65 -12.25 -15.07
C GLU A 778 -25.35 -12.91 -13.73
N GLU A 779 -24.18 -13.55 -13.60
CA GLU A 779 -23.83 -14.22 -12.36
C GLU A 779 -23.64 -13.28 -11.18
N TYR A 780 -23.31 -12.03 -11.47
CA TYR A 780 -23.08 -11.04 -10.43
C TYR A 780 -24.40 -10.58 -9.78
N VAL A 781 -25.39 -10.22 -10.59
CA VAL A 781 -26.67 -9.79 -10.03
C VAL A 781 -27.41 -10.97 -9.40
N LYS A 782 -27.21 -12.16 -9.95
CA LYS A 782 -27.83 -13.37 -9.42
C LYS A 782 -27.27 -13.59 -8.02
N CYS A 783 -25.96 -13.45 -7.91
CA CYS A 783 -25.26 -13.62 -6.65
C CYS A 783 -25.61 -12.51 -5.65
N GLN A 784 -25.89 -11.31 -6.15
CA GLN A 784 -26.24 -10.18 -5.28
C GLN A 784 -27.61 -10.40 -4.66
N GLU A 785 -28.47 -11.14 -5.37
CA GLU A 785 -29.80 -11.45 -4.86
C GLU A 785 -29.65 -12.36 -3.64
N ARG A 786 -28.69 -13.26 -3.70
CA ARG A 786 -28.44 -14.18 -2.61
C ARG A 786 -27.97 -13.50 -1.32
N VAL A 787 -27.19 -12.42 -1.43
CA VAL A 787 -26.74 -11.75 -0.21
C VAL A 787 -27.92 -10.97 0.38
N SER A 788 -28.79 -10.43 -0.49
CA SER A 788 -29.96 -9.70 -0.02
C SER A 788 -30.86 -10.65 0.75
N ALA A 789 -30.98 -11.86 0.25
CA ALA A 789 -31.80 -12.87 0.89
C ALA A 789 -31.28 -13.19 2.28
N LEU A 790 -29.97 -13.34 2.40
CA LEU A 790 -29.34 -13.63 3.67
C LEU A 790 -29.35 -12.46 4.66
N TYR A 791 -29.37 -11.23 4.13
CA TYR A 791 -29.37 -10.04 4.99
C TYR A 791 -30.74 -9.90 5.66
N LYS A 792 -31.75 -10.50 5.03
CA LYS A 792 -33.10 -10.46 5.55
C LYS A 792 -33.19 -11.33 6.81
N ASN A 793 -32.16 -12.14 7.03
CA ASN A 793 -32.10 -13.04 8.17
C ASN A 793 -30.92 -12.64 9.05
N PRO A 794 -31.06 -11.54 9.81
CA PRO A 794 -30.03 -11.00 10.71
C PRO A 794 -29.17 -12.01 11.46
N ARG A 795 -29.81 -13.00 12.06
CA ARG A 795 -29.13 -14.02 12.84
C ARG A 795 -28.18 -14.89 12.05
N GLU A 796 -28.58 -15.26 10.84
CA GLU A 796 -27.76 -16.10 9.97
C GLU A 796 -26.65 -15.27 9.32
N TRP A 797 -26.94 -14.02 8.99
CA TRP A 797 -25.95 -13.14 8.39
C TRP A 797 -24.81 -13.00 9.41
N THR A 798 -25.16 -12.59 10.63
CA THR A 798 -24.18 -12.42 11.68
C THR A 798 -23.42 -13.69 11.99
N ARG A 799 -24.08 -14.84 11.86
CA ARG A 799 -23.40 -16.10 12.14
C ARG A 799 -22.37 -16.39 11.06
N MET A 800 -22.63 -15.93 9.84
CA MET A 800 -21.68 -16.12 8.74
C MET A 800 -20.52 -15.15 8.96
N VAL A 801 -20.84 -13.96 9.46
CA VAL A 801 -19.83 -12.95 9.75
C VAL A 801 -18.83 -13.54 10.73
N ILE A 802 -19.34 -14.13 11.81
CA ILE A 802 -18.48 -14.74 12.83
C ILE A 802 -17.59 -15.82 12.21
N ARG A 803 -18.09 -16.47 11.17
CA ARG A 803 -17.33 -17.52 10.49
C ARG A 803 -16.16 -16.94 9.70
N ASN A 804 -16.33 -15.71 9.21
CA ASN A 804 -15.29 -15.03 8.45
C ASN A 804 -14.24 -14.47 9.41
N ILE A 805 -14.69 -13.68 10.37
CA ILE A 805 -13.81 -13.08 11.37
C ILE A 805 -12.93 -14.14 12.03
N ALA A 806 -13.61 -15.17 12.54
CA ALA A 806 -12.93 -16.25 13.25
C ALA A 806 -11.94 -16.99 12.37
N THR A 807 -12.00 -16.74 11.07
CA THR A 807 -11.12 -17.46 10.17
C THR A 807 -10.16 -16.56 9.38
N SER A 808 -10.07 -15.29 9.75
CA SER A 808 -9.20 -14.34 9.06
C SER A 808 -7.76 -14.29 9.58
N GLY A 809 -7.49 -15.02 10.66
CA GLY A 809 -6.14 -15.03 11.21
C GLY A 809 -4.97 -15.17 10.26
N LYS A 810 -5.11 -15.99 9.22
CA LYS A 810 -4.02 -16.22 8.26
C LYS A 810 -3.60 -14.98 7.47
N PHE A 811 -4.45 -13.95 7.49
CA PHE A 811 -4.17 -12.76 6.72
C PHE A 811 -3.53 -11.59 7.46
N SER A 812 -2.85 -11.92 8.55
CA SER A 812 -2.14 -10.94 9.35
C SER A 812 -0.77 -10.78 8.71
N SER A 813 -0.26 -9.55 8.64
CA SER A 813 1.07 -9.33 8.05
C SER A 813 2.16 -9.92 8.93
N ASP A 814 1.80 -10.39 10.12
CA ASP A 814 2.75 -10.99 11.03
C ASP A 814 3.09 -12.38 10.50
N ARG A 815 2.10 -13.02 9.88
CA ARG A 815 2.32 -14.35 9.32
C ARG A 815 3.16 -14.18 8.03
N THR A 816 2.82 -13.17 7.24
CA THR A 816 3.54 -12.87 6.01
C THR A 816 5.01 -12.56 6.30
N ILE A 817 5.26 -11.68 7.27
CA ILE A 817 6.62 -11.30 7.62
C ILE A 817 7.43 -12.46 8.19
N ALA A 818 6.78 -13.32 8.97
CA ALA A 818 7.46 -14.48 9.54
C ALA A 818 7.95 -15.43 8.42
N GLN A 819 7.21 -15.50 7.33
CA GLN A 819 7.60 -16.35 6.20
C GLN A 819 8.72 -15.71 5.38
N TYR A 820 8.62 -14.41 5.14
CA TYR A 820 9.66 -13.68 4.40
C TYR A 820 10.96 -13.88 5.17
N ALA A 821 10.87 -13.66 6.47
CA ALA A 821 12.01 -13.79 7.36
C ALA A 821 12.68 -15.16 7.25
N ARG A 822 11.91 -16.22 7.47
CA ARG A 822 12.46 -17.57 7.43
C ARG A 822 12.84 -18.09 6.05
N GLU A 823 11.94 -17.93 5.08
CA GLU A 823 12.17 -18.46 3.73
C GLU A 823 12.94 -17.58 2.73
N ILE A 824 13.16 -16.32 3.05
CA ILE A 824 13.88 -15.45 2.14
C ILE A 824 15.04 -14.73 2.82
N TRP A 825 14.76 -14.01 3.91
CA TRP A 825 15.80 -13.27 4.60
C TRP A 825 16.75 -14.10 5.43
N GLY A 826 16.28 -15.21 5.97
CA GLY A 826 17.16 -16.05 6.77
C GLY A 826 17.34 -15.52 8.18
N VAL A 827 16.26 -15.03 8.78
CA VAL A 827 16.30 -14.52 10.14
C VAL A 827 15.11 -15.08 10.91
N GLU A 828 15.24 -15.20 12.22
CA GLU A 828 14.16 -15.77 13.03
C GLU A 828 13.37 -14.72 13.79
N PRO A 829 12.04 -14.68 13.60
CA PRO A 829 11.23 -13.69 14.33
C PRO A 829 11.28 -13.97 15.84
N SER A 830 11.01 -12.93 16.63
CA SER A 830 11.02 -13.07 18.09
C SER A 830 10.01 -12.12 18.75
N ARG A 831 9.13 -12.68 19.59
CA ARG A 831 8.14 -11.87 20.29
C ARG A 831 8.66 -11.50 21.68
N GLN A 832 9.97 -11.28 21.77
CA GLN A 832 10.60 -10.93 23.04
C GLN A 832 10.64 -9.44 23.31
N ARG A 833 10.08 -9.05 24.46
CA ARG A 833 10.05 -7.65 24.87
C ARG A 833 11.47 -7.13 25.05
N LEU A 834 11.81 -6.02 24.41
CA LEU A 834 13.15 -5.46 24.58
C LEU A 834 13.21 -4.96 26.02
N PRO A 835 14.39 -5.04 26.65
CA PRO A 835 14.59 -4.60 28.03
C PRO A 835 14.06 -3.23 28.45
N ALA A 836 12.74 -3.11 28.57
CA ALA A 836 12.09 -1.86 28.98
C ALA A 836 12.63 -0.62 28.29
N PRO A 837 11.99 0.55 28.54
CA PRO A 837 12.43 1.80 27.92
C PRO A 837 13.32 2.57 28.87
N ASP A 838 13.23 2.23 30.15
CA ASP A 838 13.95 2.84 31.25
C ASP A 838 15.11 3.80 31.00
N GLU A 839 14.86 5.07 31.36
CA GLU A 839 15.79 6.20 31.25
C GLU A 839 17.15 6.01 30.57
N LYS A 840 18.18 5.69 31.37
CA LYS A 840 19.56 5.48 30.93
C LYS A 840 20.23 6.61 30.10
N ILE A 841 21.45 6.97 30.49
CA ILE A 841 22.22 7.99 29.80
C ILE A 841 23.72 7.72 29.98
N PRO A 842 24.28 6.91 29.07
CA PRO A 842 25.71 6.56 29.09
C PRO A 842 26.59 7.66 28.50
C1 GLC B . -0.92 -3.74 -5.85
C2 GLC B . -1.87 -4.87 -6.43
C3 GLC B . -2.69 -5.53 -5.28
C4 GLC B . -1.77 -6.02 -4.13
C5 GLC B . -0.82 -4.83 -3.66
C6 GLC B . 0.16 -5.28 -2.63
O1 GLC B . -1.64 -2.57 -5.42
O2 GLC B . -2.74 -4.33 -7.40
O3 GLC B . -3.43 -6.64 -5.76
O4 GLC B . -2.53 -6.49 -3.03
O5 GLC B . -0.08 -4.30 -4.79
O6 GLC B . 0.86 -6.42 -3.11
P PO3 C . -7.21 -3.81 -3.60
O1 PO3 C . -7.98 -4.04 -2.32
O2 PO3 C . -5.76 -3.63 -3.34
O3 PO3 C . -7.80 -2.63 -4.40
N1 PLP D . -5.82 2.39 -0.34
C2 PLP D . -5.97 2.53 1.01
C2A PLP D . -6.39 3.88 1.55
C3 PLP D . -5.94 1.41 1.81
O3 PLP D . -6.19 1.51 3.19
C4 PLP D . -5.76 0.16 1.26
C4A PLP D . -5.61 -1.08 2.25
C5 PLP D . -5.61 0.05 -0.13
C6 PLP D . -5.63 1.17 -0.89
C5A PLP D . -5.65 -1.32 -0.86
O4P PLP D . -7.03 -1.72 -1.04
P IMP E . 23.18 3.94 12.61
O1P IMP E . 22.51 2.64 12.42
O2P IMP E . 22.26 5.10 12.15
O3P IMP E . 24.53 4.02 11.94
O5' IMP E . 23.29 4.22 14.18
C5' IMP E . 22.65 3.20 15.12
C4' IMP E . 22.78 3.66 16.70
O4' IMP E . 23.94 2.82 16.99
C3' IMP E . 23.40 5.04 17.01
O3' IMP E . 22.34 5.97 17.28
C2' IMP E . 24.27 4.72 18.32
O2' IMP E . 23.62 4.37 19.57
C1' IMP E . 24.90 3.42 17.94
N9 IMP E . 26.24 3.62 17.23
C8 IMP E . 26.43 3.66 15.90
N7 IMP E . 27.80 3.88 15.63
C5 IMP E . 28.40 3.92 16.92
C6 IMP E . 29.83 4.09 17.17
O6 IMP E . 30.76 4.26 16.38
N1 IMP E . 30.04 4.06 18.55
C2 IMP E . 29.00 3.91 19.50
N3 IMP E . 27.75 3.76 19.20
C4 IMP E . 27.49 3.77 17.89
#